data_5EQJ
#
_entry.id   5EQJ
#
_cell.length_a   138.645
_cell.length_b   138.645
_cell.length_c   102.727
_cell.angle_alpha   90.00
_cell.angle_beta   90.00
_cell.angle_gamma   120.00
#
_symmetry.space_group_name_H-M   'P 32 2 1'
#
loop_
_entity.id
_entity.type
_entity.pdbx_description
1 polymer 'tRNA (adenine(58)-N(1))-methyltransferase non-catalytic subunit TRM6'
2 polymer 'tRNA (adenine(58)-N(1))-methyltransferase catalytic subunit TRM61'
3 water water
#
loop_
_entity_poly.entity_id
_entity_poly.type
_entity_poly.pdbx_seq_one_letter_code
_entity_poly.pdbx_strand_id
1 'polypeptide(L)'
;HHHHHHSQDPMNALTTIDFNQHVIVRLPSKNYKIVELKPNTSVSLGKFGAFEVNDIIGYPFGLTFEIYYDGEEVSSDENR
DSKPKNKIPIGKVRLLSQEIKDVNNDKDDGQSEPPLSIKEKSVSLELSSIDSSATNQNLVNMGSKAQELTVEEIEKMKQE
SLSSKEIIDKIIKSHKSFHNKTVYSQEKYVNRKKQKFAKYFTVEYLSSSNLLQFLIDKGDIQRVLDMSQESMGMLLNLAN
IQSEGNYLCMDETGGLLVYFLLERMFGGDNESKSKGKVIVIHENEHANLDLLKFANYSEKFIKEHVHTISLLDFFEPPTL
QEIQSRFTPLPKEEARALKGGKKNSYYRKLRWYNTQWQILELTGEFLYDGLVMATTLHLPTLVPKLAEKIHGSRPIVCYG
QFKETLLELAHTLYSDLRFLAPSILETRCRPYQSIRGKLHPLMTMKGGGGYLMWCHRVIPAPEPVSENATAADSSEKLAE
HGAKKQKI
;
A
2 'polypeptide(L)'
;MSTNCFSGYKDLIKEGDLTLIWVSRDNIKPVRMHSEEVFNTRYGSFPHKDIIGKPYGSQIAIRTKGSNKFAFVHVLQPTP
ELWTLSLPHRTQIVYTPDSSYIMQRLNCSPHSRVIEAGTGSGSFSHAFARSVGHLFSFEFHHIRYEQALEEFKEHGLIDD
NVTITHRDVCQGGFLIKKGDTTSYEFGNNETAASLNANVVFLDLPAPWDAIPHLDSVISVDEKVGLCCFSPCIEQVDKTL
DVLEKYGWTDVEMVEIQGRQYESRRQMVRSLNDALERLRDIKRHKLQGVERRKRMFNNTIDSNDEKVGKRNEDGVPLTEK
AKFNPFGKGSRIKEGDSNYKWKEVTKMEAEIKSHTSYLTFAFKVVNRSRDDEKVNEILRSTEK
;
B
#
# COMPACT_ATOMS: atom_id res chain seq x y z
N HIS A 4 22.44 -14.93 -18.68
CA HIS A 4 22.53 -16.39 -18.69
C HIS A 4 23.80 -16.92 -19.38
N HIS A 5 24.34 -16.16 -20.32
CA HIS A 5 25.59 -16.57 -20.97
C HIS A 5 26.81 -16.09 -20.19
N HIS A 6 26.59 -15.32 -19.12
CA HIS A 6 27.65 -14.94 -18.18
C HIS A 6 27.78 -15.97 -17.07
N SER A 7 29.01 -16.30 -16.73
CA SER A 7 29.29 -17.20 -15.62
C SER A 7 29.03 -16.50 -14.30
N GLN A 8 29.34 -15.20 -14.27
CA GLN A 8 29.16 -14.36 -13.10
C GLN A 8 27.66 -14.17 -12.79
N ASP A 9 27.35 -13.98 -11.51
CA ASP A 9 25.99 -13.70 -11.10
C ASP A 9 25.52 -12.39 -11.74
N PRO A 10 24.25 -12.36 -12.18
CA PRO A 10 23.66 -11.13 -12.74
C PRO A 10 23.58 -9.98 -11.73
N MET A 11 23.51 -8.77 -12.23
CA MET A 11 23.25 -7.62 -11.39
C MET A 11 21.78 -7.58 -10.97
N ASN A 12 21.53 -7.07 -9.76
CA ASN A 12 20.18 -6.96 -9.22
C ASN A 12 19.60 -5.61 -9.61
N ALA A 13 18.63 -5.61 -10.52
CA ALA A 13 18.10 -4.34 -11.02
C ALA A 13 17.18 -3.65 -9.99
N LEU A 14 16.93 -4.32 -8.87
CA LEU A 14 16.16 -3.71 -7.79
C LEU A 14 17.06 -2.81 -6.95
N THR A 15 18.36 -3.12 -6.94
CA THR A 15 19.32 -2.41 -6.08
C THR A 15 20.35 -1.63 -6.88
N THR A 16 20.44 -1.91 -8.18
CA THR A 16 21.60 -1.54 -8.97
C THR A 16 21.23 -1.04 -10.37
N ILE A 17 21.89 0.02 -10.81
CA ILE A 17 21.68 0.56 -12.15
C ILE A 17 22.13 -0.48 -13.18
N ASP A 18 21.21 -0.97 -13.99
CA ASP A 18 21.51 -2.10 -14.87
C ASP A 18 21.02 -1.84 -16.28
N PHE A 19 21.71 -2.45 -17.26
CA PHE A 19 21.38 -2.35 -18.69
C PHE A 19 19.93 -2.69 -19.02
N ASN A 20 19.36 -1.96 -19.97
CA ASN A 20 18.03 -2.22 -20.51
C ASN A 20 16.88 -2.02 -19.51
N GLN A 21 17.19 -1.45 -18.35
CA GLN A 21 16.17 -1.07 -17.39
C GLN A 21 15.68 0.34 -17.69
N HIS A 22 14.38 0.56 -17.56
CA HIS A 22 13.84 1.92 -17.44
C HIS A 22 14.09 2.42 -16.02
N VAL A 23 14.60 3.63 -15.95
CA VAL A 23 15.16 4.17 -14.72
C VAL A 23 14.74 5.62 -14.58
N ILE A 24 14.69 6.15 -13.35
CA ILE A 24 14.36 7.56 -13.13
C ILE A 24 15.61 8.42 -13.00
N VAL A 25 15.60 9.59 -13.64
CA VAL A 25 16.69 10.56 -13.48
C VAL A 25 16.12 11.86 -12.94
N ARG A 26 16.64 12.32 -11.81
CA ARG A 26 16.26 13.61 -11.25
C ARG A 26 17.29 14.66 -11.66
N LEU A 27 16.79 15.74 -12.26
CA LEU A 27 17.62 16.86 -12.75
C LEU A 27 17.85 17.90 -11.65
N PRO A 28 18.81 18.83 -11.86
CA PRO A 28 19.08 19.82 -10.81
C PRO A 28 17.87 20.67 -10.50
N SER A 29 17.02 20.85 -11.51
CA SER A 29 15.75 21.56 -11.38
C SER A 29 14.67 20.69 -10.70
N LYS A 30 15.05 19.47 -10.31
CA LYS A 30 14.26 18.56 -9.47
C LYS A 30 13.12 17.83 -10.19
N ASN A 31 12.92 18.13 -11.47
CA ASN A 31 11.91 17.37 -12.22
C ASN A 31 12.49 16.03 -12.65
N TYR A 32 11.63 15.06 -12.91
CA TYR A 32 12.06 13.72 -13.25
C TYR A 32 12.05 13.49 -14.75
N LYS A 33 12.94 12.61 -15.20
CA LYS A 33 12.88 12.03 -16.53
C LYS A 33 12.94 10.52 -16.39
N ILE A 34 12.31 9.83 -17.31
CA ILE A 34 12.43 8.38 -17.40
C ILE A 34 13.42 8.06 -18.51
N VAL A 35 14.42 7.22 -18.20
CA VAL A 35 15.49 6.90 -19.13
C VAL A 35 15.66 5.39 -19.29
N GLU A 36 15.69 4.92 -20.54
CA GLU A 36 15.96 3.51 -20.82
C GLU A 36 17.46 3.30 -21.02
N LEU A 37 18.06 2.34 -20.31
CA LEU A 37 19.51 2.21 -20.30
C LEU A 37 20.04 1.21 -21.34
N LYS A 38 19.97 1.61 -22.60
CA LYS A 38 20.47 0.78 -23.69
C LYS A 38 22.00 0.83 -23.75
N PRO A 39 22.65 -0.34 -23.76
CA PRO A 39 24.11 -0.43 -23.80
C PRO A 39 24.68 0.38 -24.95
N ASN A 40 25.84 1.00 -24.75
CA ASN A 40 26.56 1.71 -25.82
C ASN A 40 25.75 2.83 -26.43
N THR A 41 24.93 3.48 -25.62
CA THR A 41 24.23 4.68 -26.07
C THR A 41 24.54 5.85 -25.14
N SER A 42 24.16 7.04 -25.60
CA SER A 42 24.27 8.24 -24.80
C SER A 42 22.87 8.75 -24.47
N VAL A 43 22.78 9.55 -23.41
CA VAL A 43 21.55 10.14 -22.95
C VAL A 43 21.73 11.65 -22.82
N SER A 44 20.80 12.43 -23.35
CA SER A 44 20.87 13.89 -23.27
C SER A 44 19.90 14.45 -22.22
N LEU A 45 20.38 15.40 -21.43
CA LEU A 45 19.56 16.06 -20.42
C LEU A 45 19.51 17.54 -20.74
N GLY A 46 19.45 17.83 -22.04
CA GLY A 46 19.41 19.20 -22.53
C GLY A 46 20.52 20.07 -21.99
N LYS A 47 20.13 21.18 -21.39
CA LYS A 47 21.05 22.15 -20.79
C LYS A 47 22.04 21.57 -19.74
N PHE A 48 21.72 20.42 -19.18
CA PHE A 48 22.55 19.85 -18.12
C PHE A 48 23.56 18.85 -18.68
N GLY A 49 23.62 18.71 -20.00
CA GLY A 49 24.62 17.89 -20.66
C GLY A 49 24.15 16.53 -21.12
N ALA A 50 25.09 15.73 -21.64
CA ALA A 50 24.81 14.38 -22.09
C ALA A 50 25.85 13.41 -21.51
N PHE A 51 25.49 12.14 -21.39
CA PHE A 51 26.41 11.18 -20.79
C PHE A 51 26.26 9.81 -21.42
N GLU A 52 27.23 8.94 -21.18
CA GLU A 52 27.20 7.61 -21.71
C GLU A 52 26.57 6.66 -20.73
N VAL A 53 25.58 5.92 -21.19
CA VAL A 53 24.85 4.96 -20.38
C VAL A 53 25.82 4.01 -19.67
N ASN A 54 26.80 3.45 -20.39
CA ASN A 54 27.79 2.53 -19.82
C ASN A 54 28.47 3.07 -18.56
N ASP A 55 28.62 4.38 -18.48
CA ASP A 55 29.39 4.96 -17.39
C ASP A 55 28.65 4.97 -16.04
N ILE A 56 27.34 4.71 -16.04
CA ILE A 56 26.62 4.65 -14.77
C ILE A 56 26.17 3.25 -14.36
N ILE A 57 26.37 2.24 -15.21
CA ILE A 57 25.89 0.89 -14.89
C ILE A 57 26.67 0.31 -13.75
N GLY A 58 26.00 -0.44 -12.88
CA GLY A 58 26.66 -1.10 -11.79
C GLY A 58 26.68 -0.33 -10.49
N TYR A 59 26.37 0.97 -10.52
CA TYR A 59 26.26 1.74 -9.28
C TYR A 59 24.91 1.45 -8.59
N PRO A 60 24.87 1.62 -7.26
CA PRO A 60 23.56 1.59 -6.59
C PRO A 60 22.73 2.81 -6.94
N PHE A 61 21.42 2.72 -6.70
CA PHE A 61 20.52 3.83 -6.87
C PHE A 61 20.77 4.91 -5.83
N GLY A 62 20.33 6.13 -6.11
CA GLY A 62 20.35 7.18 -5.11
C GLY A 62 21.59 8.04 -5.13
N LEU A 63 22.49 7.77 -6.09
CA LEU A 63 23.73 8.54 -6.21
C LEU A 63 23.58 9.70 -7.16
N THR A 64 24.32 10.77 -6.89
CA THR A 64 24.32 11.93 -7.76
C THR A 64 25.63 11.98 -8.57
N PHE A 65 25.49 12.05 -9.89
CA PHE A 65 26.63 12.09 -10.80
C PHE A 65 26.76 13.48 -11.39
N GLU A 66 28.00 13.94 -11.50
CA GLU A 66 28.29 15.18 -12.19
C GLU A 66 28.74 14.89 -13.61
N ILE A 67 28.25 15.67 -14.58
CA ILE A 67 28.75 15.59 -15.93
C ILE A 67 29.80 16.67 -16.12
N TYR A 68 31.00 16.28 -16.55
CA TYR A 68 32.08 17.25 -16.76
C TYR A 68 32.75 17.03 -18.10
N TYR A 69 33.45 18.04 -18.60
CA TYR A 69 34.02 18.01 -19.95
C TYR A 69 35.51 18.28 -19.95
N ASP A 70 36.26 17.48 -20.72
CA ASP A 70 37.70 17.71 -20.91
C ASP A 70 37.95 18.71 -22.04
N ILE A 90 28.57 15.34 -25.19
CA ILE A 90 28.67 14.10 -24.42
C ILE A 90 29.87 14.10 -23.46
N GLY A 91 29.62 14.34 -22.19
CA GLY A 91 30.69 14.40 -21.22
C GLY A 91 31.00 13.15 -20.46
N LYS A 92 31.83 13.26 -19.44
CA LYS A 92 32.15 12.10 -18.62
C LYS A 92 31.37 12.23 -17.32
N VAL A 93 31.26 11.16 -16.54
CA VAL A 93 30.55 11.28 -15.28
C VAL A 93 31.44 10.87 -14.12
N ARG A 94 31.26 11.57 -13.00
CA ARG A 94 31.88 11.21 -11.74
C ARG A 94 30.86 11.45 -10.62
N LEU A 95 31.11 10.91 -9.43
CA LEU A 95 30.25 11.15 -8.29
C LEU A 95 30.39 12.60 -7.90
N LEU A 96 29.27 13.29 -7.70
CA LEU A 96 29.31 14.72 -7.40
C LEU A 96 29.89 14.99 -6.02
N LYS A 199 25.67 19.99 -15.74
CA LYS A 199 25.92 20.02 -14.29
C LYS A 199 25.77 18.63 -13.64
N TYR A 200 24.59 18.27 -13.11
CA TYR A 200 24.48 16.95 -12.44
C TYR A 200 23.11 16.28 -12.52
N PHE A 201 23.05 15.02 -12.07
CA PHE A 201 21.80 14.28 -12.06
C PHE A 201 21.87 13.11 -11.08
N THR A 202 20.70 12.66 -10.63
CA THR A 202 20.59 11.59 -9.66
C THR A 202 19.79 10.46 -10.25
N VAL A 203 20.26 9.22 -10.09
CA VAL A 203 19.58 8.08 -10.71
C VAL A 203 18.85 7.24 -9.67
N GLU A 204 17.54 7.04 -9.89
CA GLU A 204 16.70 6.31 -8.95
C GLU A 204 15.94 5.16 -9.60
N TYR A 205 15.59 4.18 -8.78
CA TYR A 205 14.71 3.10 -9.21
C TYR A 205 13.37 3.67 -9.67
N LEU A 206 12.77 3.07 -10.68
CA LEU A 206 11.48 3.55 -11.15
C LEU A 206 10.38 2.90 -10.30
N SER A 207 10.14 3.48 -9.13
CA SER A 207 9.13 2.98 -8.19
C SER A 207 7.77 3.50 -8.58
N SER A 208 6.74 2.95 -7.95
CA SER A 208 5.38 3.46 -8.18
C SER A 208 5.30 4.93 -7.75
N SER A 209 5.94 5.29 -6.64
CA SER A 209 6.00 6.69 -6.22
C SER A 209 6.65 7.60 -7.28
N ASN A 210 7.77 7.15 -7.85
CA ASN A 210 8.54 7.98 -8.75
C ASN A 210 7.84 8.10 -10.10
N LEU A 211 7.17 7.02 -10.51
CA LEU A 211 6.39 7.08 -11.74
C LEU A 211 5.26 8.11 -11.60
N LEU A 212 4.55 8.10 -10.47
CA LEU A 212 3.52 9.11 -10.23
C LEU A 212 4.13 10.51 -10.30
N GLN A 213 5.26 10.71 -9.62
CA GLN A 213 5.88 12.03 -9.59
C GLN A 213 6.31 12.46 -11.01
N PHE A 214 6.82 11.52 -11.80
CA PHE A 214 7.18 11.84 -13.18
C PHE A 214 5.97 12.33 -13.97
N LEU A 215 4.85 11.64 -13.81
CA LEU A 215 3.62 12.01 -14.51
C LEU A 215 3.12 13.39 -14.09
N ILE A 216 3.23 13.69 -12.80
CA ILE A 216 2.87 15.03 -12.31
C ILE A 216 3.79 16.11 -12.91
N ASP A 217 5.11 15.87 -12.89
CA ASP A 217 6.09 16.78 -13.49
C ASP A 217 5.82 17.00 -14.97
N LYS A 218 5.39 15.95 -15.64
CA LYS A 218 5.16 15.96 -17.09
C LYS A 218 3.89 16.77 -17.40
N GLY A 219 3.05 16.97 -16.38
CA GLY A 219 1.85 17.76 -16.49
C GLY A 219 0.57 16.94 -16.64
N ASP A 220 0.68 15.63 -16.45
CA ASP A 220 -0.43 14.72 -16.66
C ASP A 220 -1.27 14.47 -15.40
N ILE A 221 -1.36 15.45 -14.51
CA ILE A 221 -2.04 15.26 -13.22
C ILE A 221 -3.50 14.84 -13.42
N GLN A 222 -4.19 15.36 -14.43
CA GLN A 222 -5.59 14.97 -14.64
C GLN A 222 -5.70 13.55 -15.17
N ARG A 223 -4.72 13.10 -15.92
CA ARG A 223 -4.72 11.71 -16.37
C ARG A 223 -4.56 10.73 -15.19
N VAL A 224 -3.87 11.16 -14.12
CA VAL A 224 -3.79 10.31 -12.92
C VAL A 224 -4.89 10.66 -11.90
N LEU A 225 -5.94 11.34 -12.37
CA LEU A 225 -7.11 11.68 -11.56
C LEU A 225 -6.71 12.44 -10.28
N ASP A 226 -5.70 13.29 -10.42
CA ASP A 226 -5.21 14.14 -9.33
C ASP A 226 -4.69 13.39 -8.09
N MET A 227 -4.35 12.11 -8.22
CA MET A 227 -3.94 11.36 -7.03
C MET A 227 -2.54 11.74 -6.51
N SER A 228 -2.33 11.55 -5.22
CA SER A 228 -1.06 11.83 -4.58
C SER A 228 -0.42 10.54 -4.07
N GLN A 229 0.84 10.66 -3.69
CA GLN A 229 1.58 9.57 -3.11
C GLN A 229 0.94 9.07 -1.81
N GLU A 230 0.53 9.99 -0.93
CA GLU A 230 -0.06 9.58 0.34
C GLU A 230 -1.43 8.90 0.12
N SER A 231 -2.23 9.38 -0.83
CA SER A 231 -3.53 8.76 -1.05
C SER A 231 -3.37 7.34 -1.57
N MET A 232 -2.43 7.13 -2.48
CA MET A 232 -2.17 5.80 -3.01
C MET A 232 -1.52 4.91 -1.96
N GLY A 233 -0.62 5.47 -1.17
CA GLY A 233 -0.05 4.72 -0.06
C GLY A 233 -1.12 4.26 0.93
N MET A 234 -2.07 5.14 1.23
CA MET A 234 -3.16 4.73 2.14
C MET A 234 -4.06 3.69 1.50
N LEU A 235 -4.37 3.84 0.21
CA LEU A 235 -5.20 2.87 -0.48
C LEU A 235 -4.59 1.45 -0.36
N LEU A 236 -3.27 1.33 -0.49
CA LEU A 236 -2.58 0.03 -0.42
C LEU A 236 -2.82 -0.68 0.93
N ASN A 237 -2.83 0.08 2.02
CA ASN A 237 -2.98 -0.53 3.34
C ASN A 237 -4.45 -0.70 3.71
N LEU A 238 -5.29 0.29 3.40
CA LEU A 238 -6.73 0.14 3.62
C LEU A 238 -7.23 -1.10 2.89
N ALA A 239 -6.74 -1.32 1.66
CA ALA A 239 -7.12 -2.48 0.87
C ALA A 239 -6.43 -3.78 1.31
N ASN A 240 -5.56 -3.70 2.31
CA ASN A 240 -4.88 -4.92 2.83
C ASN A 240 -4.14 -5.68 1.71
N ILE A 241 -3.49 -4.95 0.81
CA ILE A 241 -2.83 -5.55 -0.35
C ILE A 241 -1.66 -6.44 0.09
N GLN A 242 -1.70 -7.68 -0.37
CA GLN A 242 -0.76 -8.75 0.01
C GLN A 242 -0.30 -9.58 -1.16
N SER A 243 0.89 -10.16 -1.02
CA SER A 243 1.51 -10.95 -2.09
C SER A 243 0.61 -12.05 -2.64
N GLU A 244 -0.19 -12.69 -1.79
CA GLU A 244 -0.99 -13.84 -2.22
C GLU A 244 -2.46 -13.52 -2.54
N GLY A 245 -2.86 -12.27 -2.36
CA GLY A 245 -4.25 -11.92 -2.60
C GLY A 245 -4.61 -11.89 -4.08
N ASN A 246 -5.87 -12.15 -4.40
CA ASN A 246 -6.45 -11.91 -5.74
C ASN A 246 -7.37 -10.70 -5.70
N TYR A 247 -6.95 -9.60 -6.31
CA TYR A 247 -7.67 -8.34 -6.14
C TYR A 247 -8.41 -7.88 -7.39
N LEU A 248 -9.65 -7.47 -7.20
CA LEU A 248 -10.45 -6.90 -8.28
C LEU A 248 -10.13 -5.41 -8.38
N CYS A 249 -9.90 -4.92 -9.59
CA CYS A 249 -9.36 -3.58 -9.80
C CYS A 249 -9.99 -2.87 -11.00
N MET A 250 -10.30 -1.59 -10.85
CA MET A 250 -10.58 -0.73 -12.01
C MET A 250 -9.59 0.41 -11.99
N ASP A 251 -8.99 0.69 -13.15
CA ASP A 251 -7.88 1.65 -13.25
C ASP A 251 -8.00 2.36 -14.58
N GLU A 252 -8.33 3.64 -14.49
CA GLU A 252 -8.54 4.50 -15.64
C GLU A 252 -7.32 5.36 -15.88
N THR A 253 -6.24 5.10 -15.14
CA THR A 253 -5.06 5.97 -15.21
C THR A 253 -4.04 5.53 -16.23
N GLY A 254 -4.32 4.44 -16.93
CA GLY A 254 -3.33 3.88 -17.82
C GLY A 254 -2.46 2.86 -17.11
N GLY A 255 -2.88 2.41 -15.92
CA GLY A 255 -2.16 1.38 -15.21
C GLY A 255 -1.32 1.81 -14.00
N LEU A 256 -1.42 3.07 -13.60
CA LEU A 256 -0.67 3.52 -12.43
C LEU A 256 -1.12 2.77 -11.17
N LEU A 257 -2.43 2.61 -10.97
CA LEU A 257 -2.93 1.89 -9.78
C LEU A 257 -2.49 0.43 -9.79
N VAL A 258 -2.62 -0.20 -10.96
CA VAL A 258 -2.16 -1.57 -11.13
C VAL A 258 -0.70 -1.66 -10.75
N TYR A 259 0.09 -0.68 -11.15
CA TYR A 259 1.52 -0.73 -10.85
C TYR A 259 1.80 -0.54 -9.34
N PHE A 260 1.06 0.34 -8.68
CA PHE A 260 1.19 0.48 -7.22
C PHE A 260 0.95 -0.86 -6.53
N LEU A 261 -0.10 -1.53 -6.95
CA LEU A 261 -0.45 -2.83 -6.40
C LEU A 261 0.65 -3.87 -6.65
N LEU A 262 1.08 -4.01 -7.91
CA LEU A 262 2.11 -5.00 -8.28
C LEU A 262 3.43 -4.77 -7.56
N GLU A 263 3.85 -3.51 -7.48
CA GLU A 263 5.09 -3.19 -6.77
C GLU A 263 5.02 -3.48 -5.26
N ARG A 264 3.86 -3.34 -4.68
CA ARG A 264 3.74 -3.66 -3.28
C ARG A 264 3.71 -5.17 -3.10
N MET A 265 3.03 -5.88 -3.97
CA MET A 265 2.93 -7.33 -3.88
C MET A 265 4.25 -8.07 -4.15
N PHE A 266 5.01 -7.65 -5.15
CA PHE A 266 6.19 -8.42 -5.58
C PHE A 266 7.51 -7.65 -5.53
N GLY A 267 7.45 -6.34 -5.30
CA GLY A 267 8.66 -5.52 -5.23
C GLY A 267 9.47 -5.45 -6.54
N GLY A 268 8.85 -5.65 -7.69
CA GLY A 268 9.59 -5.55 -8.94
C GLY A 268 10.39 -6.80 -9.29
N ASP A 269 10.24 -7.84 -8.48
CA ASP A 269 10.91 -9.13 -8.69
C ASP A 269 10.17 -10.02 -9.68
N ASN A 270 10.66 -10.07 -10.92
CA ASN A 270 10.09 -10.89 -11.97
C ASN A 270 10.14 -12.38 -11.66
N GLU A 271 10.93 -12.76 -10.66
CA GLU A 271 11.04 -14.16 -10.27
C GLU A 271 10.36 -14.48 -8.92
N SER A 272 9.40 -13.64 -8.53
CA SER A 272 8.72 -13.87 -7.26
C SER A 272 7.99 -15.20 -7.32
N LYS A 273 8.04 -15.93 -6.21
CA LYS A 273 7.30 -17.18 -6.11
C LYS A 273 5.86 -16.94 -5.65
N SER A 274 5.52 -15.70 -5.32
CA SER A 274 4.16 -15.40 -4.85
C SER A 274 3.14 -15.52 -5.98
N LYS A 275 1.90 -15.82 -5.60
CA LYS A 275 0.88 -16.24 -6.55
C LYS A 275 -0.25 -15.22 -6.71
N GLY A 276 -0.11 -14.06 -6.08
CA GLY A 276 -1.16 -13.06 -6.12
C GLY A 276 -1.44 -12.51 -7.51
N LYS A 277 -2.64 -11.99 -7.69
CA LYS A 277 -3.08 -11.47 -8.98
C LYS A 277 -3.86 -10.18 -8.84
N VAL A 278 -3.75 -9.34 -9.87
CA VAL A 278 -4.62 -8.19 -10.04
C VAL A 278 -5.51 -8.43 -11.23
N ILE A 279 -6.82 -8.47 -11.00
CA ILE A 279 -7.77 -8.67 -12.10
C ILE A 279 -8.36 -7.33 -12.47
N VAL A 280 -8.03 -6.85 -13.66
CA VAL A 280 -8.44 -5.54 -14.09
C VAL A 280 -9.70 -5.60 -14.93
N ILE A 281 -10.76 -4.94 -14.48
CA ILE A 281 -12.03 -4.85 -15.16
C ILE A 281 -12.01 -3.50 -15.84
N HIS A 282 -12.36 -3.43 -17.11
CA HIS A 282 -12.16 -2.20 -17.87
C HIS A 282 -13.31 -1.88 -18.78
N GLU A 283 -13.40 -0.60 -19.12
CA GLU A 283 -14.47 -0.04 -19.94
C GLU A 283 -14.45 -0.38 -21.42
N ASN A 284 -13.27 -0.52 -22.00
CA ASN A 284 -13.27 -0.68 -23.44
C ASN A 284 -13.03 -2.14 -23.84
N GLU A 285 -12.78 -2.40 -25.12
CA GLU A 285 -12.52 -3.77 -25.55
C GLU A 285 -11.24 -4.30 -24.91
N HIS A 286 -10.22 -3.44 -24.83
CA HIS A 286 -8.96 -3.77 -24.18
C HIS A 286 -8.70 -2.83 -23.02
N ALA A 287 -7.93 -3.31 -22.05
CA ALA A 287 -7.54 -2.46 -20.94
C ALA A 287 -6.42 -1.54 -21.39
N ASN A 288 -6.42 -0.32 -20.85
CA ASN A 288 -5.31 0.60 -21.05
C ASN A 288 -4.29 0.42 -19.94
N LEU A 289 -3.25 -0.36 -20.21
CA LEU A 289 -2.21 -0.60 -19.23
C LEU A 289 -0.87 -0.12 -19.76
N ASP A 290 -0.88 0.96 -20.52
CA ASP A 290 0.32 1.37 -21.25
C ASP A 290 1.49 1.79 -20.36
N LEU A 291 1.19 2.23 -19.13
CA LEU A 291 2.25 2.66 -18.22
C LEU A 291 3.13 1.49 -17.79
N LEU A 292 2.60 0.28 -17.88
CA LEU A 292 3.36 -0.92 -17.54
C LEU A 292 4.55 -1.15 -18.50
N LYS A 293 4.62 -0.41 -19.60
CA LYS A 293 5.78 -0.59 -20.47
C LYS A 293 7.04 0.01 -19.79
N PHE A 294 6.84 0.84 -18.76
CA PHE A 294 7.96 1.39 -18.00
C PHE A 294 8.32 0.55 -16.78
N ALA A 295 7.60 -0.54 -16.54
CA ALA A 295 7.62 -1.22 -15.25
C ALA A 295 8.77 -2.21 -15.09
N ASN A 296 9.47 -2.51 -16.17
CA ASN A 296 10.54 -3.51 -16.16
C ASN A 296 10.01 -4.87 -15.69
N TYR A 297 8.81 -5.21 -16.15
CA TYR A 297 8.22 -6.52 -15.94
C TYR A 297 8.37 -7.33 -17.22
N SER A 298 8.67 -8.61 -17.08
CA SER A 298 8.70 -9.52 -18.23
C SER A 298 7.28 -9.81 -18.68
N GLU A 299 7.12 -10.29 -19.91
CA GLU A 299 5.79 -10.64 -20.43
C GLU A 299 5.21 -11.81 -19.66
N LYS A 300 6.08 -12.74 -19.27
CA LYS A 300 5.71 -13.85 -18.40
C LYS A 300 5.12 -13.37 -17.05
N PHE A 301 5.84 -12.46 -16.37
CA PHE A 301 5.38 -11.92 -15.09
C PHE A 301 4.00 -11.33 -15.23
N ILE A 302 3.84 -10.44 -16.21
CA ILE A 302 2.57 -9.78 -16.43
C ILE A 302 1.45 -10.78 -16.72
N LYS A 303 1.72 -11.75 -17.57
CA LYS A 303 0.71 -12.77 -17.90
C LYS A 303 0.34 -13.60 -16.68
N GLU A 304 1.31 -13.83 -15.79
CA GLU A 304 1.01 -14.61 -14.58
C GLU A 304 0.23 -13.87 -13.48
N HIS A 305 0.33 -12.55 -13.43
CA HIS A 305 -0.12 -11.80 -12.26
C HIS A 305 -1.18 -10.74 -12.56
N VAL A 306 -1.39 -10.46 -13.84
CA VAL A 306 -2.36 -9.48 -14.28
C VAL A 306 -3.36 -10.10 -15.25
N HIS A 307 -4.65 -10.10 -14.91
CA HIS A 307 -5.66 -10.56 -15.85
C HIS A 307 -6.58 -9.39 -16.17
N THR A 308 -6.97 -9.27 -17.43
CA THR A 308 -7.88 -8.21 -17.85
C THR A 308 -9.18 -8.83 -18.34
N ILE A 309 -10.29 -8.16 -18.05
CA ILE A 309 -11.65 -8.59 -18.44
C ILE A 309 -12.50 -7.35 -18.62
N SER A 310 -13.18 -7.24 -19.74
CA SER A 310 -14.07 -6.10 -19.96
C SER A 310 -15.29 -6.18 -19.04
N LEU A 311 -15.92 -5.03 -18.79
CA LEU A 311 -17.12 -4.99 -17.94
C LEU A 311 -18.19 -5.95 -18.44
N LEU A 312 -18.34 -6.06 -19.76
CA LEU A 312 -19.38 -6.89 -20.35
C LEU A 312 -19.08 -8.37 -20.17
N ASP A 313 -17.82 -8.76 -20.38
CA ASP A 313 -17.43 -10.15 -20.13
C ASP A 313 -17.50 -10.50 -18.64
N PHE A 314 -17.37 -9.49 -17.77
CA PHE A 314 -17.38 -9.76 -16.34
C PHE A 314 -18.82 -9.92 -15.81
N PHE A 315 -19.71 -9.05 -16.26
CA PHE A 315 -21.10 -9.10 -15.81
C PHE A 315 -21.99 -10.00 -16.66
N GLU A 316 -21.62 -10.24 -17.92
CA GLU A 316 -22.37 -11.14 -18.80
C GLU A 316 -21.41 -12.08 -19.50
N PRO A 317 -20.78 -13.00 -18.75
CA PRO A 317 -19.75 -13.83 -19.36
C PRO A 317 -20.36 -14.80 -20.38
N PRO A 318 -19.53 -15.31 -21.31
CA PRO A 318 -20.04 -16.31 -22.24
C PRO A 318 -20.23 -17.62 -21.50
N THR A 319 -21.15 -18.46 -21.96
CA THR A 319 -21.33 -19.78 -21.35
C THR A 319 -20.29 -20.75 -21.89
N LEU A 320 -20.15 -21.90 -21.23
CA LEU A 320 -19.27 -22.95 -21.74
C LEU A 320 -19.77 -23.44 -23.11
N GLN A 321 -21.09 -23.54 -23.24
CA GLN A 321 -21.71 -23.97 -24.49
C GLN A 321 -21.39 -23.00 -25.62
N GLU A 322 -21.60 -21.71 -25.39
CA GLU A 322 -21.28 -20.69 -26.38
C GLU A 322 -19.80 -20.71 -26.79
N ILE A 323 -18.92 -21.11 -25.87
CA ILE A 323 -17.50 -21.13 -26.16
C ILE A 323 -17.14 -22.36 -26.99
N GLN A 324 -17.66 -23.50 -26.57
CA GLN A 324 -17.39 -24.75 -27.22
C GLN A 324 -17.88 -24.84 -28.66
N SER A 325 -19.00 -24.21 -28.94
CA SER A 325 -19.54 -24.22 -30.29
C SER A 325 -18.59 -23.51 -31.26
N ARG A 326 -17.68 -22.69 -30.73
CA ARG A 326 -16.68 -22.04 -31.59
C ARG A 326 -15.37 -22.83 -31.62
N PHE A 327 -15.10 -23.58 -30.56
CA PHE A 327 -13.89 -24.36 -30.46
C PHE A 327 -13.87 -25.31 -29.30
N THR A 328 -13.46 -26.54 -29.55
CA THR A 328 -13.30 -27.58 -28.56
C THR A 328 -11.93 -28.09 -28.92
N PRO A 329 -11.08 -28.42 -27.96
CA PRO A 329 -9.74 -28.85 -28.37
C PRO A 329 -9.57 -30.24 -28.90
N LEU A 330 -8.47 -30.46 -29.62
CA LEU A 330 -8.13 -31.79 -30.08
C LEU A 330 -7.54 -32.52 -28.89
N PRO A 331 -7.56 -33.87 -28.91
CA PRO A 331 -6.85 -34.59 -27.83
C PRO A 331 -5.42 -34.10 -27.70
N ARG A 336 -1.11 -31.79 -30.54
CA ARG A 336 0.24 -31.94 -29.99
C ARG A 336 1.26 -32.30 -31.06
N ALA A 337 0.87 -33.22 -31.92
CA ALA A 337 1.69 -33.66 -33.00
C ALA A 337 1.43 -32.83 -34.24
N LEU A 338 0.76 -31.70 -34.09
CA LEU A 338 0.49 -30.86 -35.23
C LEU A 338 1.75 -30.12 -35.58
N LYS A 339 1.86 -29.64 -36.81
CA LYS A 339 3.04 -28.92 -37.23
C LYS A 339 2.77 -27.99 -38.37
N GLY A 340 3.65 -27.02 -38.56
CA GLY A 340 3.51 -26.10 -39.67
C GLY A 340 2.41 -25.07 -39.50
N GLY A 341 1.64 -24.87 -40.55
CA GLY A 341 0.52 -23.94 -40.52
C GLY A 341 -0.63 -24.47 -39.68
N LYS A 342 -0.83 -25.78 -39.71
CA LYS A 342 -1.88 -26.44 -38.94
C LYS A 342 -1.65 -26.22 -37.43
N LYS A 343 -0.41 -26.39 -36.98
CA LYS A 343 -0.05 -26.17 -35.58
C LYS A 343 -0.23 -24.71 -35.20
N ASN A 344 -0.05 -23.81 -36.17
CA ASN A 344 -0.09 -22.40 -35.85
C ASN A 344 -1.51 -21.82 -35.91
N SER A 345 -2.34 -22.32 -36.82
CA SER A 345 -3.74 -21.90 -36.86
C SER A 345 -4.50 -22.51 -35.66
N TYR A 346 -4.10 -23.71 -35.24
CA TYR A 346 -4.73 -24.35 -34.10
C TYR A 346 -4.44 -23.63 -32.79
N TYR A 347 -3.18 -23.23 -32.58
CA TYR A 347 -2.80 -22.67 -31.29
C TYR A 347 -3.28 -21.22 -31.14
N ARG A 348 -3.54 -20.56 -32.27
CA ARG A 348 -4.20 -19.26 -32.21
C ARG A 348 -5.65 -19.43 -31.72
N LYS A 349 -6.36 -20.42 -32.27
CA LYS A 349 -7.72 -20.73 -31.80
C LYS A 349 -7.72 -21.22 -30.36
N LEU A 350 -6.73 -22.04 -30.01
CA LEU A 350 -6.59 -22.52 -28.64
C LEU A 350 -6.25 -21.37 -27.69
N ARG A 351 -5.57 -20.35 -28.20
CA ARG A 351 -5.29 -19.16 -27.39
C ARG A 351 -6.60 -18.44 -27.06
N TRP A 352 -7.41 -18.20 -28.08
CA TRP A 352 -8.74 -17.62 -27.89
C TRP A 352 -9.55 -18.42 -26.88
N TYR A 353 -9.48 -19.74 -27.01
CA TYR A 353 -10.23 -20.64 -26.14
C TYR A 353 -9.77 -20.54 -24.70
N ASN A 354 -8.47 -20.45 -24.49
CA ASN A 354 -7.92 -20.33 -23.14
C ASN A 354 -8.27 -18.98 -22.52
N THR A 355 -8.29 -17.92 -23.33
CA THR A 355 -8.74 -16.62 -22.86
C THR A 355 -10.17 -16.72 -22.32
N GLN A 356 -11.05 -17.34 -23.10
CA GLN A 356 -12.45 -17.53 -22.73
C GLN A 356 -12.58 -18.37 -21.48
N TRP A 357 -11.72 -19.37 -21.36
CA TRP A 357 -11.77 -20.25 -20.20
C TRP A 357 -11.30 -19.51 -18.94
N GLN A 358 -10.37 -18.57 -19.10
CA GLN A 358 -9.89 -17.76 -17.98
C GLN A 358 -11.03 -16.89 -17.43
N ILE A 359 -11.83 -16.36 -18.35
CA ILE A 359 -13.00 -15.56 -18.00
C ILE A 359 -14.02 -16.37 -17.22
N LEU A 360 -14.19 -17.63 -17.62
CA LEU A 360 -15.10 -18.53 -16.92
C LEU A 360 -14.64 -18.74 -15.48
N GLU A 361 -13.33 -18.93 -15.30
CA GLU A 361 -12.76 -19.14 -13.98
C GLU A 361 -12.87 -17.90 -13.08
N LEU A 362 -12.92 -16.72 -13.69
CA LEU A 362 -12.87 -15.47 -12.93
C LEU A 362 -14.25 -14.89 -12.68
N THR A 363 -15.27 -15.45 -13.31
CA THR A 363 -16.62 -14.90 -13.23
C THR A 363 -17.65 -15.88 -12.66
N GLY A 364 -17.20 -17.04 -12.21
CA GLY A 364 -18.14 -18.05 -11.76
C GLY A 364 -18.60 -17.77 -10.35
N GLU A 365 -18.21 -18.66 -9.46
CA GLU A 365 -18.43 -18.46 -8.04
C GLU A 365 -17.13 -18.00 -7.40
N PHE A 366 -16.16 -17.66 -8.25
CA PHE A 366 -14.88 -17.15 -7.79
C PHE A 366 -15.08 -15.87 -6.96
N LEU A 367 -14.43 -15.80 -5.81
CA LEU A 367 -14.55 -14.64 -4.95
C LEU A 367 -13.19 -13.99 -4.71
N TYR A 368 -13.15 -12.67 -4.79
CA TYR A 368 -11.93 -11.90 -4.68
C TYR A 368 -11.62 -11.46 -3.25
N ASP A 369 -10.37 -11.08 -3.01
CA ASP A 369 -9.90 -10.73 -1.69
C ASP A 369 -9.90 -9.24 -1.43
N GLY A 370 -10.48 -8.47 -2.35
CA GLY A 370 -10.50 -7.03 -2.20
C GLY A 370 -10.86 -6.37 -3.50
N LEU A 371 -11.29 -5.12 -3.41
CA LEU A 371 -11.69 -4.32 -4.56
C LEU A 371 -11.07 -2.95 -4.40
N VAL A 372 -10.30 -2.53 -5.41
CA VAL A 372 -9.68 -1.21 -5.44
C VAL A 372 -10.07 -0.53 -6.75
N MET A 373 -10.47 0.74 -6.68
CA MET A 373 -11.00 1.41 -7.86
C MET A 373 -10.53 2.85 -8.03
N ALA A 374 -10.08 3.17 -9.23
CA ALA A 374 -9.85 4.54 -9.63
C ALA A 374 -10.48 4.71 -11.00
N THR A 375 -11.78 4.98 -11.00
CA THR A 375 -12.54 5.14 -12.23
C THR A 375 -13.42 6.38 -12.10
N THR A 376 -13.83 6.95 -13.23
CA THR A 376 -14.79 8.04 -13.19
C THR A 376 -16.17 7.59 -13.67
N LEU A 377 -16.38 6.28 -13.75
CA LEU A 377 -17.73 5.76 -13.95
C LEU A 377 -18.58 6.06 -12.73
N HIS A 378 -19.90 6.04 -12.91
CA HIS A 378 -20.87 6.30 -11.83
C HIS A 378 -20.80 5.20 -10.76
N LEU A 379 -20.26 5.53 -9.60
CA LEU A 379 -20.02 4.51 -8.57
C LEU A 379 -21.27 3.90 -7.91
N PRO A 380 -22.33 4.70 -7.61
CA PRO A 380 -23.46 4.10 -6.89
C PRO A 380 -24.15 2.93 -7.59
N THR A 381 -24.13 2.87 -8.91
CA THR A 381 -24.77 1.75 -9.58
C THR A 381 -23.73 0.83 -10.21
N LEU A 382 -22.46 1.01 -9.86
CA LEU A 382 -21.38 0.13 -10.29
C LEU A 382 -20.82 -0.68 -9.12
N VAL A 383 -20.55 -0.02 -8.00
CA VAL A 383 -19.88 -0.70 -6.86
C VAL A 383 -20.71 -1.85 -6.26
N PRO A 384 -22.04 -1.66 -6.08
CA PRO A 384 -22.82 -2.81 -5.58
C PRO A 384 -22.74 -4.06 -6.48
N LYS A 385 -22.76 -3.89 -7.79
CA LYS A 385 -22.59 -5.00 -8.72
C LYS A 385 -21.21 -5.67 -8.62
N LEU A 386 -20.14 -4.87 -8.56
CA LEU A 386 -18.79 -5.43 -8.40
C LEU A 386 -18.61 -6.15 -7.07
N ALA A 387 -19.24 -5.64 -6.02
CA ALA A 387 -19.02 -6.18 -4.67
C ALA A 387 -19.69 -7.54 -4.43
N GLU A 388 -20.52 -7.98 -5.37
CA GLU A 388 -21.10 -9.32 -5.26
C GLU A 388 -20.05 -10.42 -5.40
N LYS A 389 -18.95 -10.10 -6.07
CA LYS A 389 -17.89 -11.04 -6.25
C LYS A 389 -16.79 -10.90 -5.24
N ILE A 390 -17.03 -10.16 -4.17
CA ILE A 390 -16.00 -10.00 -3.17
C ILE A 390 -16.37 -10.82 -1.93
N HIS A 391 -15.41 -11.58 -1.42
CA HIS A 391 -15.63 -12.39 -0.22
C HIS A 391 -15.98 -11.53 1.00
N GLY A 392 -16.69 -12.12 1.95
CA GLY A 392 -17.03 -11.46 3.18
C GLY A 392 -15.79 -11.09 3.94
N SER A 393 -15.84 -9.96 4.66
CA SER A 393 -14.72 -9.43 5.45
C SER A 393 -13.59 -8.79 4.61
N ARG A 394 -13.78 -8.60 3.31
CA ARG A 394 -12.72 -7.99 2.49
C ARG A 394 -12.92 -6.49 2.32
N PRO A 395 -11.83 -5.74 2.26
CA PRO A 395 -11.94 -4.29 2.10
C PRO A 395 -12.31 -3.87 0.69
N ILE A 396 -12.98 -2.73 0.63
CA ILE A 396 -13.33 -2.06 -0.60
C ILE A 396 -12.77 -0.65 -0.51
N VAL A 397 -11.94 -0.25 -1.48
CA VAL A 397 -11.41 1.11 -1.48
C VAL A 397 -11.67 1.80 -2.83
N CYS A 398 -12.46 2.87 -2.82
CA CYS A 398 -12.70 3.65 -4.04
C CYS A 398 -12.01 5.01 -3.94
N TYR A 399 -11.06 5.24 -4.85
CA TYR A 399 -10.39 6.54 -4.93
C TYR A 399 -11.24 7.49 -5.74
N GLY A 400 -11.36 8.73 -5.30
CA GLY A 400 -12.01 9.73 -6.13
C GLY A 400 -11.35 11.09 -5.98
N GLN A 401 -11.26 11.83 -7.07
CA GLN A 401 -10.67 13.17 -7.03
C GLN A 401 -11.59 14.12 -6.24
N PHE A 402 -12.90 13.90 -6.33
CA PHE A 402 -13.90 14.80 -5.73
C PHE A 402 -14.66 14.11 -4.62
N LYS A 403 -14.72 14.74 -3.46
CA LYS A 403 -15.39 14.17 -2.30
C LYS A 403 -16.90 14.00 -2.49
N GLU A 404 -17.53 14.92 -3.22
CA GLU A 404 -18.99 14.87 -3.46
C GLU A 404 -19.44 13.56 -4.12
N THR A 405 -18.58 13.05 -5.02
CA THR A 405 -18.75 11.77 -5.68
C THR A 405 -18.82 10.61 -4.68
N LEU A 406 -17.86 10.58 -3.76
CA LEU A 406 -17.78 9.54 -2.75
C LEU A 406 -18.90 9.68 -1.73
N LEU A 407 -19.32 10.91 -1.47
CA LEU A 407 -20.43 11.19 -0.57
C LEU A 407 -21.70 10.51 -1.08
N GLU A 408 -21.98 10.70 -2.37
CA GLU A 408 -23.12 10.04 -2.99
C GLU A 408 -23.02 8.52 -2.89
N LEU A 409 -21.85 7.97 -3.14
CA LEU A 409 -21.65 6.53 -3.01
C LEU A 409 -21.90 6.06 -1.57
N ALA A 410 -21.30 6.75 -0.59
CA ALA A 410 -21.45 6.36 0.81
C ALA A 410 -22.93 6.29 1.22
N HIS A 411 -23.72 7.27 0.79
CA HIS A 411 -25.14 7.23 1.12
C HIS A 411 -25.86 6.05 0.47
N THR A 412 -25.45 5.70 -0.75
CA THR A 412 -26.01 4.55 -1.46
C THR A 412 -25.69 3.25 -0.72
N LEU A 413 -24.43 3.13 -0.30
CA LEU A 413 -23.98 1.94 0.43
C LEU A 413 -24.53 1.85 1.85
N TYR A 414 -24.92 2.97 2.45
CA TYR A 414 -25.48 2.94 3.80
C TYR A 414 -26.71 2.02 3.87
N SER A 415 -27.55 2.09 2.85
CA SER A 415 -28.78 1.31 2.81
C SER A 415 -28.64 -0.13 2.25
N ASP A 416 -27.42 -0.56 1.98
CA ASP A 416 -27.16 -1.90 1.48
C ASP A 416 -26.41 -2.65 2.58
N LEU A 417 -27.02 -3.70 3.11
CA LEU A 417 -26.47 -4.38 4.27
C LEU A 417 -25.23 -5.22 3.95
N ARG A 418 -24.82 -5.24 2.68
CA ARG A 418 -23.61 -5.98 2.30
C ARG A 418 -22.34 -5.15 2.53
N PHE A 419 -22.50 -3.90 2.94
CA PHE A 419 -21.38 -2.99 3.17
C PHE A 419 -21.33 -2.48 4.58
N LEU A 420 -20.16 -2.61 5.21
CA LEU A 420 -19.98 -2.24 6.60
C LEU A 420 -19.36 -0.86 6.72
N ALA A 421 -20.14 0.08 7.27
CA ALA A 421 -19.64 1.39 7.70
C ALA A 421 -18.73 2.12 6.69
N PRO A 422 -19.30 2.51 5.54
CA PRO A 422 -18.48 3.24 4.57
C PRO A 422 -18.00 4.60 5.12
N SER A 423 -16.73 4.90 4.89
CA SER A 423 -16.09 6.09 5.43
C SER A 423 -15.34 6.83 4.35
N ILE A 424 -15.41 8.14 4.39
CA ILE A 424 -14.64 8.95 3.48
C ILE A 424 -13.37 9.43 4.18
N LEU A 425 -12.21 9.08 3.63
CA LEU A 425 -10.96 9.46 4.24
C LEU A 425 -10.18 10.41 3.36
N GLU A 426 -9.35 11.22 4.00
CA GLU A 426 -8.51 12.15 3.30
C GLU A 426 -7.15 12.17 3.97
N THR A 427 -6.09 12.10 3.18
CA THR A 427 -4.75 12.25 3.74
C THR A 427 -3.99 13.31 2.93
N ARG A 428 -3.30 14.21 3.62
CA ARG A 428 -2.58 15.28 2.95
C ARG A 428 -1.20 15.38 3.55
N CYS A 429 -0.22 15.52 2.68
CA CYS A 429 1.17 15.64 3.07
C CYS A 429 1.63 17.08 2.93
N ARG A 430 2.28 17.62 3.94
CA ARG A 430 2.89 18.94 3.81
C ARG A 430 4.38 18.87 4.11
N PRO A 431 5.24 19.00 3.07
CA PRO A 431 6.68 18.96 3.33
C PRO A 431 7.19 20.24 3.97
N TYR A 432 8.31 20.15 4.67
CA TYR A 432 9.01 21.31 5.22
C TYR A 432 10.30 21.59 4.45
N GLN A 433 10.61 22.88 4.33
CA GLN A 433 11.93 23.31 3.97
C GLN A 433 12.80 22.84 5.12
N SER A 434 13.66 21.86 4.83
CA SER A 434 14.25 21.05 5.89
C SER A 434 15.71 21.39 6.13
N ILE A 435 16.03 22.67 6.02
CA ILE A 435 17.39 23.11 6.26
C ILE A 435 17.48 23.75 7.64
N ARG A 436 18.45 23.31 8.43
CA ARG A 436 18.61 23.79 9.80
C ARG A 436 18.79 25.30 9.83
N GLY A 437 18.06 25.98 10.70
CA GLY A 437 18.12 27.43 10.77
C GLY A 437 16.99 28.14 10.05
N LYS A 438 16.42 27.52 9.02
CA LYS A 438 15.29 28.09 8.30
C LYS A 438 14.19 27.05 8.09
N LEU A 439 13.73 26.46 9.20
CA LEU A 439 12.70 25.43 9.17
C LEU A 439 11.29 26.02 9.06
N HIS A 440 10.57 25.63 8.00
CA HIS A 440 9.17 26.01 7.84
C HIS A 440 8.54 25.17 6.74
N PRO A 441 7.20 25.02 6.75
CA PRO A 441 6.55 24.25 5.69
C PRO A 441 6.79 24.90 4.34
N LEU A 442 6.68 24.14 3.24
CA LEU A 442 6.76 24.75 1.92
C LEU A 442 5.70 25.81 1.83
N MET A 443 6.04 26.95 1.24
CA MET A 443 5.13 28.07 1.18
C MET A 443 4.05 27.92 0.13
N THR A 444 4.36 27.26 -0.98
CA THR A 444 3.30 26.97 -1.95
C THR A 444 3.44 25.52 -2.38
N MET A 445 2.33 24.94 -2.80
CA MET A 445 2.36 23.60 -3.38
C MET A 445 1.06 23.36 -4.14
N LYS A 446 0.95 22.22 -4.80
CA LYS A 446 -0.27 21.97 -5.56
C LYS A 446 -1.40 21.50 -4.64
N GLY A 447 -2.63 21.89 -4.96
CA GLY A 447 -3.78 21.44 -4.21
C GLY A 447 -4.21 20.08 -4.69
N GLY A 448 -5.28 19.54 -4.11
CA GLY A 448 -5.80 18.25 -4.54
C GLY A 448 -5.20 17.07 -3.79
N GLY A 449 -5.21 15.89 -4.40
CA GLY A 449 -4.71 14.70 -3.75
C GLY A 449 -5.80 13.66 -3.60
N GLY A 450 -7.06 14.09 -3.75
CA GLY A 450 -8.17 13.15 -3.73
C GLY A 450 -8.57 12.60 -2.36
N TYR A 451 -9.48 11.63 -2.41
CA TYR A 451 -10.16 11.07 -1.25
C TYR A 451 -10.36 9.59 -1.44
N LEU A 452 -10.50 8.86 -0.34
CA LEU A 452 -10.74 7.43 -0.34
C LEU A 452 -12.07 7.09 0.31
N MET A 453 -12.83 6.22 -0.32
CA MET A 453 -14.00 5.68 0.33
C MET A 453 -13.62 4.28 0.77
N TRP A 454 -13.62 4.06 2.08
CA TRP A 454 -13.24 2.77 2.65
C TRP A 454 -14.42 2.06 3.29
N CYS A 455 -14.61 0.79 2.98
CA CYS A 455 -15.59 -0.01 3.69
C CYS A 455 -15.29 -1.49 3.54
N HIS A 456 -16.09 -2.33 4.18
CA HIS A 456 -15.85 -3.77 4.15
C HIS A 456 -17.07 -4.48 3.63
N ARG A 457 -16.82 -5.52 2.84
CA ARG A 457 -17.85 -6.41 2.36
C ARG A 457 -18.29 -7.29 3.51
N VAL A 458 -19.60 -7.35 3.78
CA VAL A 458 -20.09 -8.22 4.84
C VAL A 458 -21.29 -9.02 4.36
N ILE A 459 -21.68 -10.01 5.15
CA ILE A 459 -22.74 -10.95 4.78
C ILE A 459 -23.92 -10.81 5.75
N PRO A 460 -25.02 -10.20 5.28
CA PRO A 460 -26.25 -9.97 6.07
C PRO A 460 -26.77 -11.24 6.72
N ALA A 461 -27.38 -11.14 7.90
CA ALA A 461 -28.02 -12.29 8.54
C ALA A 461 -29.45 -12.48 8.02
N ASN B 4 0.84 -16.59 10.37
CA ASN B 4 0.34 -15.25 10.64
C ASN B 4 -1.16 -15.20 10.36
N CYS B 5 -1.97 -15.01 11.40
CA CYS B 5 -3.42 -14.99 11.24
C CYS B 5 -3.94 -13.66 10.65
N PHE B 6 -3.05 -12.68 10.54
CA PHE B 6 -3.34 -11.43 9.84
C PHE B 6 -3.17 -11.59 8.34
N SER B 7 -2.38 -12.57 7.92
CA SER B 7 -2.03 -12.77 6.52
C SER B 7 -2.88 -13.83 5.85
N GLY B 8 -3.03 -13.72 4.53
CA GLY B 8 -3.87 -14.66 3.80
C GLY B 8 -5.34 -14.39 4.03
N TYR B 9 -6.18 -15.24 3.45
CA TYR B 9 -7.60 -14.96 3.38
C TYR B 9 -8.44 -16.18 3.74
N LYS B 10 -8.90 -16.21 4.98
CA LYS B 10 -9.70 -17.32 5.48
C LYS B 10 -11.14 -17.26 5.00
N ASP B 11 -11.73 -18.41 4.76
CA ASP B 11 -13.12 -18.43 4.29
C ASP B 11 -14.06 -18.48 5.50
N LEU B 12 -13.85 -19.48 6.36
CA LEU B 12 -14.79 -19.84 7.41
C LEU B 12 -14.21 -19.62 8.80
N ILE B 13 -15.04 -19.12 9.71
CA ILE B 13 -14.63 -18.91 11.09
C ILE B 13 -14.51 -20.24 11.83
N LYS B 14 -13.33 -20.46 12.42
CA LYS B 14 -13.02 -21.74 13.05
C LYS B 14 -12.78 -21.57 14.53
N GLU B 15 -13.10 -22.60 15.28
CA GLU B 15 -12.78 -22.65 16.70
C GLU B 15 -11.29 -22.41 16.93
N GLY B 16 -10.96 -21.50 17.85
CA GLY B 16 -9.57 -21.13 18.07
C GLY B 16 -9.08 -19.94 17.24
N ASP B 17 -9.83 -19.54 16.22
CA ASP B 17 -9.48 -18.38 15.42
C ASP B 17 -9.52 -17.09 16.24
N LEU B 18 -8.51 -16.23 16.05
CA LEU B 18 -8.59 -14.84 16.50
C LEU B 18 -9.45 -14.05 15.50
N THR B 19 -10.48 -13.38 15.99
CA THR B 19 -11.33 -12.56 15.14
C THR B 19 -11.35 -11.12 15.65
N LEU B 20 -11.80 -10.21 14.82
CA LEU B 20 -12.08 -8.86 15.27
C LEU B 20 -13.57 -8.71 15.12
N ILE B 21 -14.25 -8.45 16.24
CA ILE B 21 -15.68 -8.31 16.18
C ILE B 21 -16.02 -6.83 16.15
N TRP B 22 -16.60 -6.41 15.04
CA TRP B 22 -17.02 -5.04 14.86
C TRP B 22 -18.38 -4.82 15.53
N VAL B 23 -18.40 -4.00 16.57
CA VAL B 23 -19.66 -3.63 17.23
C VAL B 23 -20.16 -2.29 16.68
N SER B 24 -19.30 -1.28 16.69
CA SER B 24 -19.56 0.00 16.03
C SER B 24 -18.24 0.60 15.57
N ARG B 25 -18.30 1.79 14.98
CA ARG B 25 -17.13 2.45 14.39
C ARG B 25 -16.00 2.68 15.39
N ASP B 26 -16.36 2.96 16.64
CA ASP B 26 -15.37 3.21 17.68
C ASP B 26 -15.25 2.03 18.61
N ASN B 27 -15.81 0.89 18.21
CA ASN B 27 -15.84 -0.27 19.09
C ASN B 27 -15.57 -1.57 18.34
N ILE B 28 -14.30 -1.94 18.29
CA ILE B 28 -13.86 -3.16 17.61
C ILE B 28 -13.09 -4.01 18.60
N LYS B 29 -13.53 -5.21 18.87
CA LYS B 29 -12.85 -6.03 19.84
C LYS B 29 -12.28 -7.29 19.31
N PRO B 30 -11.09 -7.60 19.76
CA PRO B 30 -10.45 -8.87 19.39
C PRO B 30 -10.99 -10.02 20.25
N VAL B 31 -11.43 -11.09 19.62
CA VAL B 31 -12.06 -12.20 20.33
C VAL B 31 -11.66 -13.55 19.75
N ARG B 32 -11.14 -14.43 20.59
CA ARG B 32 -10.74 -15.77 20.13
C ARG B 32 -11.91 -16.73 20.26
N MET B 33 -12.31 -17.33 19.16
CA MET B 33 -13.43 -18.23 19.15
C MET B 33 -13.26 -19.49 19.99
N HIS B 34 -14.24 -19.75 20.84
CA HIS B 34 -14.29 -20.94 21.69
C HIS B 34 -15.76 -21.35 21.80
N SER B 35 -16.08 -22.61 21.51
CA SER B 35 -17.48 -23.03 21.40
C SER B 35 -18.28 -22.86 22.69
N GLU B 36 -17.60 -22.74 23.83
CA GLU B 36 -18.29 -22.61 25.10
C GLU B 36 -18.39 -21.18 25.59
N GLU B 37 -17.78 -20.24 24.86
CA GLU B 37 -17.76 -18.86 25.32
C GLU B 37 -18.82 -17.99 24.67
N VAL B 38 -19.01 -16.81 25.25
CA VAL B 38 -20.01 -15.85 24.81
C VAL B 38 -19.39 -14.46 24.72
N PHE B 39 -19.75 -13.73 23.67
CA PHE B 39 -19.28 -12.35 23.51
C PHE B 39 -20.36 -11.37 23.93
N ASN B 40 -20.03 -10.51 24.90
CA ASN B 40 -20.99 -9.55 25.44
C ASN B 40 -20.76 -8.10 25.00
N THR B 41 -21.81 -7.47 24.50
CA THR B 41 -21.80 -6.02 24.24
C THR B 41 -22.87 -5.33 25.06
N ARG B 42 -22.89 -4.01 25.01
CA ARG B 42 -23.94 -3.25 25.70
C ARG B 42 -25.30 -3.45 25.04
N TYR B 43 -25.35 -4.23 23.96
CA TYR B 43 -26.62 -4.46 23.25
C TYR B 43 -27.08 -5.91 23.34
N GLY B 44 -26.24 -6.79 23.87
CA GLY B 44 -26.64 -8.17 23.99
C GLY B 44 -25.49 -9.17 24.04
N SER B 45 -25.85 -10.44 24.09
CA SER B 45 -24.88 -11.51 24.20
C SER B 45 -24.86 -12.40 22.95
N PHE B 46 -23.66 -12.68 22.48
CA PHE B 46 -23.47 -13.41 21.23
C PHE B 46 -22.66 -14.68 21.48
N PRO B 47 -23.33 -15.82 21.62
CA PRO B 47 -22.60 -17.08 21.85
C PRO B 47 -21.70 -17.42 20.66
N HIS B 48 -20.44 -17.77 20.92
CA HIS B 48 -19.50 -18.14 19.87
C HIS B 48 -19.98 -19.31 19.01
N LYS B 49 -20.67 -20.28 19.61
CA LYS B 49 -21.14 -21.44 18.85
C LYS B 49 -22.18 -21.04 17.79
N ASP B 50 -22.61 -19.80 17.83
CA ASP B 50 -23.53 -19.32 16.84
C ASP B 50 -22.75 -18.52 15.81
N ILE B 51 -21.45 -18.48 15.97
CA ILE B 51 -20.56 -17.79 15.03
C ILE B 51 -19.64 -18.78 14.29
N ILE B 52 -18.95 -19.64 15.04
CA ILE B 52 -18.08 -20.67 14.49
C ILE B 52 -18.76 -21.43 13.36
N GLY B 53 -18.06 -21.62 12.25
CA GLY B 53 -18.65 -22.30 11.10
C GLY B 53 -19.29 -21.39 10.06
N LYS B 54 -19.51 -20.13 10.42
CA LYS B 54 -20.02 -19.15 9.45
C LYS B 54 -18.86 -18.46 8.73
N PRO B 55 -19.12 -17.93 7.51
CA PRO B 55 -18.04 -17.26 6.76
C PRO B 55 -17.55 -15.99 7.47
N TYR B 56 -16.29 -15.66 7.27
CA TYR B 56 -15.77 -14.39 7.75
C TYR B 56 -16.50 -13.23 7.10
N GLY B 57 -16.78 -12.19 7.87
CA GLY B 57 -17.60 -11.10 7.38
C GLY B 57 -19.09 -11.27 7.68
N SER B 58 -19.44 -12.35 8.37
CA SER B 58 -20.86 -12.57 8.71
C SER B 58 -21.39 -11.53 9.69
N GLN B 59 -22.58 -11.02 9.41
CA GLN B 59 -23.35 -10.29 10.38
C GLN B 59 -24.00 -11.32 11.31
N ILE B 60 -23.84 -11.16 12.61
CA ILE B 60 -24.45 -12.10 13.53
C ILE B 60 -25.59 -11.39 14.25
N ALA B 61 -26.76 -12.00 14.26
CA ALA B 61 -27.95 -11.40 14.85
C ALA B 61 -28.46 -12.15 16.08
N ILE B 62 -29.01 -11.40 17.03
CA ILE B 62 -29.75 -11.95 18.18
C ILE B 62 -30.98 -11.08 18.45
N ARG B 63 -32.07 -11.64 18.96
CA ARG B 63 -33.24 -10.82 19.31
C ARG B 63 -33.12 -10.34 20.76
N THR B 64 -34.01 -9.44 21.17
CA THR B 64 -33.87 -8.53 22.33
C THR B 64 -32.55 -7.77 22.20
N PHE B 70 -33.73 -6.97 17.66
CA PHE B 70 -32.50 -7.53 17.10
C PHE B 70 -31.26 -6.67 17.36
N ALA B 71 -30.19 -7.30 17.83
CA ALA B 71 -28.88 -6.65 17.94
C ALA B 71 -27.86 -7.36 17.04
N PHE B 72 -26.83 -6.65 16.59
CA PHE B 72 -25.90 -7.22 15.62
C PHE B 72 -24.45 -6.97 15.93
N VAL B 73 -23.60 -7.91 15.52
CA VAL B 73 -22.17 -7.68 15.38
C VAL B 73 -21.73 -8.22 14.02
N HIS B 74 -20.54 -7.81 13.57
CA HIS B 74 -19.92 -8.39 12.37
C HIS B 74 -18.60 -9.01 12.75
N VAL B 75 -18.34 -10.22 12.28
CA VAL B 75 -17.13 -10.91 12.70
C VAL B 75 -16.11 -10.87 11.56
N LEU B 76 -14.96 -10.24 11.80
CA LEU B 76 -13.99 -10.00 10.74
C LEU B 76 -12.66 -10.69 10.98
N GLN B 77 -11.96 -11.01 9.89
CA GLN B 77 -10.60 -11.51 10.01
C GLN B 77 -9.70 -10.35 10.41
N PRO B 78 -8.76 -10.59 11.35
CA PRO B 78 -7.89 -9.47 11.73
C PRO B 78 -7.04 -8.96 10.56
N THR B 79 -6.83 -7.66 10.53
CA THR B 79 -5.99 -6.98 9.56
C THR B 79 -5.28 -5.94 10.36
N PRO B 80 -4.15 -5.45 9.88
CA PRO B 80 -3.43 -4.43 10.64
C PRO B 80 -4.23 -3.15 10.85
N GLU B 81 -5.01 -2.75 9.86
CA GLU B 81 -5.78 -1.51 9.93
C GLU B 81 -6.89 -1.61 10.99
N LEU B 82 -7.60 -2.72 11.00
CA LEU B 82 -8.68 -2.90 11.97
C LEU B 82 -8.10 -3.15 13.36
N TRP B 83 -6.99 -3.87 13.42
CA TRP B 83 -6.31 -4.10 14.68
C TRP B 83 -5.91 -2.76 15.32
N THR B 84 -5.35 -1.87 14.51
CA THR B 84 -4.91 -0.58 14.99
C THR B 84 -6.09 0.23 15.57
N LEU B 85 -7.24 0.15 14.90
CA LEU B 85 -8.45 0.80 15.38
C LEU B 85 -9.00 0.15 16.65
N SER B 86 -8.59 -1.06 16.94
CA SER B 86 -9.06 -1.73 18.12
C SER B 86 -8.22 -1.48 19.34
N LEU B 87 -7.03 -0.98 19.16
CA LEU B 87 -6.14 -0.72 20.26
C LEU B 87 -6.54 0.40 21.19
N PRO B 88 -6.14 0.30 22.44
CA PRO B 88 -6.47 1.39 23.35
C PRO B 88 -5.25 2.26 23.52
N THR B 91 -0.69 6.33 23.16
CA THR B 91 0.70 6.69 22.84
C THR B 91 1.51 5.54 22.28
N GLN B 92 2.55 5.88 21.55
CA GLN B 92 3.41 4.90 20.92
C GLN B 92 2.63 4.20 19.81
N ILE B 93 1.58 4.85 19.36
CA ILE B 93 0.75 4.32 18.31
C ILE B 93 0.97 5.08 17.04
N VAL B 94 1.20 4.37 15.97
CA VAL B 94 1.36 5.01 14.71
C VAL B 94 0.12 4.63 14.00
N TYR B 95 -0.60 5.59 13.50
CA TYR B 95 -1.86 5.32 12.86
C TYR B 95 -1.66 5.19 11.35
N THR B 96 -2.70 4.76 10.66
CA THR B 96 -2.55 4.41 9.25
C THR B 96 -2.14 5.57 8.31
N PRO B 97 -2.67 6.80 8.52
CA PRO B 97 -2.14 7.84 7.62
C PRO B 97 -0.61 7.99 7.65
N ASP B 98 0.02 8.06 8.83
CA ASP B 98 1.47 8.13 8.91
C ASP B 98 2.17 6.87 8.36
N SER B 99 1.74 5.70 8.84
CA SER B 99 2.45 4.47 8.54
C SER B 99 2.33 4.11 7.06
N SER B 100 1.13 4.24 6.47
CA SER B 100 0.96 3.91 5.05
C SER B 100 1.80 4.84 4.19
N TYR B 101 1.93 6.10 4.59
CA TYR B 101 2.76 7.03 3.85
C TYR B 101 4.24 6.68 3.94
N ILE B 102 4.70 6.40 5.15
CA ILE B 102 6.08 5.99 5.38
C ILE B 102 6.40 4.75 4.54
N MET B 103 5.53 3.75 4.57
CA MET B 103 5.79 2.52 3.83
C MET B 103 5.84 2.79 2.32
N GLN B 104 4.94 3.63 1.83
CA GLN B 104 4.92 3.93 0.40
C GLN B 104 6.17 4.72 -0.01
N ARG B 105 6.54 5.72 0.77
CA ARG B 105 7.69 6.54 0.41
C ARG B 105 9.02 5.77 0.48
N LEU B 106 9.11 4.79 1.37
CA LEU B 106 10.30 3.95 1.47
C LEU B 106 10.17 2.72 0.58
N ASN B 107 9.09 2.68 -0.19
CA ASN B 107 8.87 1.64 -1.18
C ASN B 107 8.86 0.20 -0.62
N CYS B 108 8.16 -0.01 0.49
CA CYS B 108 8.10 -1.33 1.12
C CYS B 108 7.47 -2.41 0.23
N SER B 109 8.06 -3.60 0.31
CA SER B 109 7.70 -4.73 -0.55
C SER B 109 8.42 -5.96 0.04
N PRO B 110 8.22 -7.17 -0.55
CA PRO B 110 8.98 -8.32 -0.03
C PRO B 110 10.49 -8.13 -0.10
N HIS B 111 10.95 -7.21 -0.94
CA HIS B 111 12.35 -6.83 -1.00
C HIS B 111 12.85 -6.12 0.28
N SER B 112 11.92 -5.65 1.10
CA SER B 112 12.31 -4.83 2.27
C SER B 112 12.79 -5.67 3.45
N ARG B 113 13.86 -5.20 4.07
CA ARG B 113 14.30 -5.74 5.36
C ARG B 113 14.34 -4.55 6.27
N VAL B 114 13.52 -4.56 7.31
CA VAL B 114 13.43 -3.33 8.07
C VAL B 114 13.85 -3.48 9.53
N ILE B 115 14.39 -2.38 10.03
CA ILE B 115 14.67 -2.20 11.43
C ILE B 115 13.60 -1.25 11.97
N GLU B 116 12.92 -1.66 13.03
CA GLU B 116 11.96 -0.82 13.75
C GLU B 116 12.37 -0.69 15.22
N ALA B 117 12.50 0.55 15.71
CA ALA B 117 12.74 0.77 17.13
C ALA B 117 12.12 2.10 17.55
N GLY B 118 11.23 2.09 18.54
CA GLY B 118 10.84 0.90 19.27
C GLY B 118 9.58 0.26 18.73
N THR B 119 9.30 -0.93 19.25
CA THR B 119 8.11 -1.69 18.89
C THR B 119 6.80 -0.96 19.25
N GLY B 120 6.86 -0.16 20.32
CA GLY B 120 5.70 0.57 20.79
C GLY B 120 4.48 -0.31 20.94
N SER B 121 3.35 0.17 20.41
CA SER B 121 2.09 -0.57 20.47
C SER B 121 2.07 -1.82 19.60
N GLY B 122 3.01 -1.96 18.67
CA GLY B 122 2.96 -3.05 17.71
C GLY B 122 2.08 -2.73 16.52
N SER B 123 1.54 -1.51 16.50
CA SER B 123 0.69 -1.05 15.40
C SER B 123 1.40 -1.11 14.03
N PHE B 124 2.56 -0.44 13.97
CA PHE B 124 3.35 -0.40 12.77
C PHE B 124 3.88 -1.80 12.44
N SER B 125 4.23 -2.57 13.48
CA SER B 125 4.84 -3.89 13.30
C SER B 125 3.97 -4.81 12.48
N HIS B 126 2.67 -4.77 12.72
CA HIS B 126 1.75 -5.61 11.96
C HIS B 126 1.64 -5.16 10.51
N ALA B 127 1.71 -3.85 10.26
CA ALA B 127 1.63 -3.33 8.88
C ALA B 127 2.90 -3.70 8.10
N PHE B 128 4.07 -3.50 8.73
CA PHE B 128 5.35 -3.96 8.18
C PHE B 128 5.31 -5.45 7.85
N ALA B 129 4.98 -6.28 8.85
CA ALA B 129 5.01 -7.73 8.69
C ALA B 129 4.23 -8.21 7.47
N ARG B 130 3.14 -7.52 7.16
CA ARG B 130 2.29 -7.93 6.04
C ARG B 130 3.04 -7.84 4.68
N SER B 131 3.90 -6.85 4.51
CA SER B 131 4.56 -6.66 3.25
C SER B 131 6.04 -6.86 3.14
N VAL B 132 6.76 -6.78 4.22
CA VAL B 132 8.18 -6.88 4.19
C VAL B 132 8.72 -8.29 4.14
N GLY B 133 9.97 -8.36 3.72
CA GLY B 133 10.71 -9.60 3.63
C GLY B 133 10.98 -10.02 5.05
N HIS B 134 11.59 -9.14 5.83
CA HIS B 134 11.77 -9.45 7.23
C HIS B 134 11.67 -8.17 8.04
N LEU B 135 11.18 -8.31 9.26
CA LEU B 135 11.11 -7.23 10.22
C LEU B 135 11.96 -7.50 11.47
N PHE B 136 12.89 -6.60 11.77
CA PHE B 136 13.67 -6.66 13.01
C PHE B 136 13.21 -5.54 13.93
N SER B 137 12.45 -5.91 14.97
CA SER B 137 11.89 -4.94 15.88
C SER B 137 12.64 -4.94 17.22
N PHE B 138 12.86 -3.76 17.78
CA PHE B 138 13.64 -3.65 19.01
C PHE B 138 12.84 -2.94 20.09
N GLU B 139 12.73 -3.55 21.27
CA GLU B 139 11.99 -2.95 22.37
C GLU B 139 12.89 -2.69 23.59
N PHE B 140 12.90 -1.45 24.06
CA PHE B 140 13.72 -1.02 25.22
C PHE B 140 13.29 -1.67 26.55
N HIS B 141 12.00 -1.63 26.84
CA HIS B 141 11.45 -2.04 28.13
C HIS B 141 11.27 -3.55 28.22
N HIS B 142 11.89 -4.18 29.22
CA HIS B 142 11.89 -5.63 29.27
C HIS B 142 10.48 -6.21 29.41
N ILE B 143 9.58 -5.50 30.09
CA ILE B 143 8.21 -5.99 30.26
C ILE B 143 7.37 -5.81 29.00
N ARG B 144 7.52 -4.67 28.34
CA ARG B 144 6.84 -4.50 27.06
C ARG B 144 7.41 -5.50 26.04
N TYR B 145 8.72 -5.74 26.09
CA TYR B 145 9.34 -6.76 25.23
C TYR B 145 8.61 -8.10 25.37
N GLU B 146 8.47 -8.57 26.60
CA GLU B 146 7.85 -9.87 26.87
C GLU B 146 6.42 -9.92 26.38
N GLN B 147 5.65 -8.85 26.60
CA GLN B 147 4.28 -8.81 26.11
C GLN B 147 4.20 -8.81 24.59
N ALA B 148 5.01 -7.97 23.94
CA ALA B 148 5.07 -7.90 22.49
C ALA B 148 5.48 -9.25 21.92
N LEU B 149 6.43 -9.89 22.58
CA LEU B 149 6.87 -11.22 22.15
C LEU B 149 5.74 -12.24 22.22
N GLU B 150 5.00 -12.25 23.33
CA GLU B 150 3.92 -13.20 23.48
C GLU B 150 2.81 -12.93 22.46
N GLU B 151 2.50 -11.65 22.25
CA GLU B 151 1.51 -11.29 21.24
C GLU B 151 1.98 -11.66 19.82
N PHE B 152 3.21 -11.30 19.46
CA PHE B 152 3.70 -11.60 18.12
C PHE B 152 3.73 -13.10 17.87
N LYS B 153 3.99 -13.87 18.91
CA LYS B 153 3.99 -15.32 18.80
C LYS B 153 2.57 -15.83 18.57
N GLU B 154 1.63 -15.39 19.41
CA GLU B 154 0.23 -15.82 19.27
C GLU B 154 -0.37 -15.47 17.92
N HIS B 155 -0.01 -14.30 17.41
CA HIS B 155 -0.51 -13.89 16.10
C HIS B 155 0.15 -14.63 14.94
N GLY B 156 1.25 -15.32 15.20
CA GLY B 156 1.94 -16.04 14.13
C GLY B 156 3.03 -15.25 13.44
N LEU B 157 3.29 -14.04 13.94
CA LEU B 157 4.31 -13.18 13.33
C LEU B 157 5.73 -13.75 13.48
N ILE B 158 6.03 -14.29 14.66
CA ILE B 158 7.39 -14.75 14.97
C ILE B 158 7.77 -15.96 14.12
N ASP B 159 6.79 -16.80 13.81
CA ASP B 159 7.02 -17.95 12.95
C ASP B 159 6.99 -17.61 11.45
N ASP B 160 6.81 -16.34 11.12
CA ASP B 160 6.74 -15.91 9.72
C ASP B 160 7.96 -15.07 9.39
N ASN B 161 7.88 -13.77 9.57
CA ASN B 161 8.92 -12.86 9.09
C ASN B 161 9.28 -11.78 10.10
N VAL B 162 9.01 -12.03 11.38
CA VAL B 162 9.27 -10.99 12.38
C VAL B 162 10.20 -11.48 13.47
N THR B 163 11.16 -10.62 13.82
CA THR B 163 12.07 -10.87 14.92
C THR B 163 11.94 -9.74 15.90
N ILE B 164 11.87 -10.04 17.19
CA ILE B 164 11.90 -8.98 18.19
C ILE B 164 13.05 -9.18 19.18
N THR B 165 13.66 -8.09 19.61
CA THR B 165 14.85 -8.15 20.44
C THR B 165 14.71 -7.14 21.57
N HIS B 166 15.11 -7.53 22.78
CA HIS B 166 15.16 -6.61 23.91
C HIS B 166 16.47 -5.83 23.86
N ARG B 167 16.39 -4.50 23.73
CA ARG B 167 17.57 -3.69 23.46
C ARG B 167 17.34 -2.21 23.67
N ASP B 168 18.32 -1.57 24.30
CA ASP B 168 18.50 -0.12 24.26
C ASP B 168 19.39 0.21 23.07
N VAL B 169 18.77 0.49 21.91
CA VAL B 169 19.56 0.64 20.68
C VAL B 169 20.44 1.88 20.71
N CYS B 170 20.09 2.86 21.53
CA CYS B 170 20.92 4.08 21.65
C CYS B 170 22.25 3.82 22.37
N GLN B 171 22.29 2.83 23.25
CA GLN B 171 23.51 2.53 23.98
C GLN B 171 24.19 1.31 23.40
N GLY B 172 23.40 0.31 23.01
CA GLY B 172 23.95 -0.95 22.58
C GLY B 172 23.82 -1.32 21.11
N GLY B 173 23.27 -0.42 20.28
CA GLY B 173 23.20 -0.66 18.85
C GLY B 173 22.21 -1.73 18.46
N PHE B 174 22.34 -2.26 17.24
CA PHE B 174 21.29 -3.10 16.65
C PHE B 174 21.70 -4.55 16.36
N LEU B 175 22.96 -4.87 16.64
CA LEU B 175 23.47 -6.21 16.33
C LEU B 175 22.70 -7.24 17.13
N ILE B 176 22.41 -8.37 16.51
CA ILE B 176 21.74 -9.47 17.17
C ILE B 176 22.68 -10.68 17.25
N LYS B 177 23.15 -11.01 18.45
CA LYS B 177 24.13 -12.10 18.65
C LYS B 177 23.57 -13.19 19.56
N LYS B 178 24.03 -14.41 19.37
CA LYS B 178 23.60 -15.52 20.21
C LYS B 178 23.97 -15.19 21.65
N GLY B 179 23.03 -15.36 22.56
CA GLY B 179 23.20 -14.85 23.91
C GLY B 179 22.32 -13.64 24.18
N ASP B 180 21.87 -12.98 23.12
CA ASP B 180 21.02 -11.80 23.31
C ASP B 180 19.59 -12.21 23.64
N THR B 181 18.85 -11.32 24.27
CA THR B 181 17.43 -11.58 24.50
C THR B 181 16.67 -11.24 23.22
N THR B 182 16.29 -12.28 22.48
CA THR B 182 15.73 -12.08 21.15
C THR B 182 14.93 -13.30 20.74
N SER B 183 13.97 -13.11 19.83
CA SER B 183 13.23 -14.24 19.28
C SER B 183 13.98 -14.87 18.11
N TYR B 184 15.10 -14.27 17.72
CA TYR B 184 15.75 -14.66 16.47
C TYR B 184 16.20 -16.12 16.48
N GLU B 185 15.85 -16.84 15.43
CA GLU B 185 16.28 -18.24 15.30
C GLU B 185 17.55 -18.37 14.47
N PHE B 186 18.65 -18.66 15.14
CA PHE B 186 19.96 -18.71 14.51
C PHE B 186 20.11 -19.95 13.62
N GLY B 187 20.49 -19.73 12.37
CA GLY B 187 20.73 -20.82 11.44
C GLY B 187 22.02 -21.58 11.71
N ASN B 188 22.31 -22.57 10.89
CA ASN B 188 23.54 -23.34 11.05
C ASN B 188 24.78 -22.47 10.84
N ASN B 189 25.74 -22.58 11.77
CA ASN B 189 26.95 -21.77 11.79
C ASN B 189 26.70 -20.28 11.98
N GLU B 190 25.46 -19.93 12.31
CA GLU B 190 25.11 -18.55 12.61
C GLU B 190 25.29 -18.24 14.09
N THR B 191 26.16 -17.28 14.39
CA THR B 191 26.32 -16.81 15.75
C THR B 191 25.74 -15.40 15.89
N ALA B 192 25.51 -14.75 14.74
CA ALA B 192 24.92 -13.42 14.69
C ALA B 192 23.97 -13.31 13.49
N ALA B 193 22.89 -12.56 13.64
CA ALA B 193 22.02 -12.27 12.51
C ALA B 193 22.68 -11.27 11.57
N SER B 194 22.48 -11.45 10.28
CA SER B 194 22.87 -10.44 9.29
C SER B 194 21.63 -9.63 8.94
N LEU B 195 21.45 -8.50 9.60
CA LEU B 195 20.23 -7.72 9.42
C LEU B 195 20.14 -7.21 7.99
N ASN B 196 21.21 -6.60 7.49
CA ASN B 196 21.25 -6.19 6.09
C ASN B 196 20.02 -5.31 5.77
N ALA B 197 19.74 -4.33 6.64
CA ALA B 197 18.50 -3.57 6.56
C ALA B 197 18.54 -2.56 5.43
N ASN B 198 17.47 -2.48 4.64
CA ASN B 198 17.39 -1.38 3.68
C ASN B 198 16.23 -0.41 4.02
N VAL B 199 15.49 -0.71 5.09
CA VAL B 199 14.43 0.19 5.58
C VAL B 199 14.56 0.35 7.09
N VAL B 200 14.69 1.59 7.55
CA VAL B 200 14.79 1.86 8.98
C VAL B 200 13.71 2.84 9.43
N PHE B 201 12.97 2.47 10.48
CA PHE B 201 12.00 3.38 11.10
C PHE B 201 12.34 3.58 12.55
N LEU B 202 12.64 4.81 12.95
CA LEU B 202 12.94 5.09 14.35
C LEU B 202 11.84 5.92 15.02
N ASP B 203 11.21 5.31 16.03
CA ASP B 203 10.28 6.00 16.94
C ASP B 203 10.83 5.93 18.37
N LEU B 204 11.68 6.89 18.73
CA LEU B 204 12.44 6.90 19.97
C LEU B 204 12.46 8.30 20.57
N PRO B 205 12.72 8.42 21.88
CA PRO B 205 12.88 9.74 22.47
C PRO B 205 14.03 10.49 21.82
N ALA B 206 15.14 9.80 21.57
CA ALA B 206 16.34 10.43 21.05
C ALA B 206 16.92 9.64 19.86
N PRO B 207 16.26 9.70 18.70
CA PRO B 207 16.70 8.94 17.52
C PRO B 207 18.13 9.28 17.09
N TRP B 208 18.60 10.48 17.43
CA TRP B 208 19.94 10.89 17.03
C TRP B 208 21.03 10.13 17.80
N ASP B 209 20.65 9.44 18.87
CA ASP B 209 21.62 8.60 19.58
C ASP B 209 21.68 7.21 18.95
N ALA B 210 20.68 6.90 18.12
CA ALA B 210 20.56 5.57 17.51
C ALA B 210 21.13 5.52 16.09
N ILE B 211 21.02 6.65 15.40
CA ILE B 211 21.48 6.77 14.03
C ILE B 211 22.97 6.38 13.84
N PRO B 212 23.86 6.78 14.77
CA PRO B 212 25.26 6.34 14.61
C PRO B 212 25.45 4.82 14.59
N HIS B 213 24.56 4.06 15.24
CA HIS B 213 24.70 2.61 15.25
C HIS B 213 24.20 1.93 13.99
N LEU B 214 23.63 2.69 13.06
CA LEU B 214 22.99 2.08 11.90
C LEU B 214 24.01 1.61 10.87
N ASP B 215 25.20 2.19 10.88
CA ASP B 215 26.21 1.84 9.87
C ASP B 215 26.62 0.37 9.95
N SER B 216 26.52 -0.23 11.12
CA SER B 216 26.87 -1.63 11.32
C SER B 216 25.82 -2.63 10.86
N VAL B 217 24.60 -2.18 10.55
CA VAL B 217 23.55 -3.15 10.24
C VAL B 217 22.79 -2.89 8.94
N ILE B 218 23.03 -1.73 8.31
CA ILE B 218 22.35 -1.47 7.05
C ILE B 218 23.08 -2.11 5.86
N SER B 219 22.29 -2.42 4.83
CA SER B 219 22.82 -2.91 3.58
C SER B 219 23.86 -1.91 3.02
N VAL B 220 24.94 -2.42 2.44
CA VAL B 220 26.04 -1.55 2.04
C VAL B 220 26.10 -1.32 0.51
N ASP B 221 25.34 -2.11 -0.25
CA ASP B 221 25.33 -1.98 -1.71
C ASP B 221 23.98 -1.57 -2.28
N GLU B 222 23.14 -0.91 -1.48
CA GLU B 222 21.86 -0.41 -2.01
C GLU B 222 21.40 0.83 -1.27
N LYS B 223 20.48 1.56 -1.88
CA LYS B 223 19.92 2.74 -1.24
C LYS B 223 19.13 2.28 -0.02
N VAL B 224 19.52 2.78 1.15
CA VAL B 224 18.85 2.48 2.41
C VAL B 224 17.98 3.67 2.78
N GLY B 225 16.72 3.42 3.12
CA GLY B 225 15.79 4.48 3.49
C GLY B 225 15.50 4.53 4.98
N LEU B 226 15.45 5.74 5.52
CA LEU B 226 15.21 5.93 6.95
C LEU B 226 14.08 6.94 7.20
N CYS B 227 13.21 6.64 8.15
CA CYS B 227 12.23 7.61 8.62
C CYS B 227 12.34 7.79 10.13
N CYS B 228 12.56 9.01 10.61
CA CYS B 228 12.49 9.28 12.06
C CYS B 228 11.19 10.01 12.44
N PHE B 229 10.55 9.48 13.48
CA PHE B 229 9.22 9.86 13.95
C PHE B 229 9.39 10.67 15.25
N SER B 230 9.23 11.99 15.20
CA SER B 230 9.44 12.83 16.39
C SER B 230 8.34 13.87 16.57
N PRO B 231 7.76 13.95 17.78
CA PRO B 231 6.68 14.90 18.07
C PRO B 231 7.10 16.38 18.03
N CYS B 232 8.32 16.73 18.44
CA CYS B 232 8.71 18.14 18.58
C CYS B 232 9.71 18.62 17.53
N ILE B 233 9.56 19.86 17.12
CA ILE B 233 10.41 20.46 16.12
C ILE B 233 11.88 20.52 16.57
N GLU B 234 12.12 20.71 17.86
CA GLU B 234 13.47 20.67 18.41
C GLU B 234 14.11 19.31 18.20
N GLN B 235 13.34 18.25 18.34
CA GLN B 235 13.83 16.91 18.06
C GLN B 235 14.19 16.79 16.59
N VAL B 236 13.37 17.38 15.72
CA VAL B 236 13.65 17.34 14.28
C VAL B 236 14.98 18.02 13.99
N ASP B 237 15.18 19.18 14.59
CA ASP B 237 16.42 19.93 14.46
C ASP B 237 17.67 19.11 14.85
N LYS B 238 17.62 18.38 15.96
CA LYS B 238 18.76 17.57 16.37
C LYS B 238 18.97 16.40 15.40
N THR B 239 17.87 15.88 14.88
CA THR B 239 17.90 14.78 13.90
C THR B 239 18.55 15.22 12.58
N LEU B 240 18.13 16.37 12.05
CA LEU B 240 18.70 16.91 10.82
C LEU B 240 20.23 17.06 10.94
N ASP B 241 20.66 17.46 12.11
CA ASP B 241 22.06 17.66 12.40
C ASP B 241 22.86 16.36 12.34
N VAL B 242 22.43 15.35 13.06
CA VAL B 242 23.13 14.09 13.07
C VAL B 242 23.07 13.38 11.73
N LEU B 243 21.98 13.50 11.00
CA LEU B 243 21.87 12.86 9.72
C LEU B 243 22.95 13.39 8.80
N GLU B 244 23.12 14.68 8.80
CA GLU B 244 24.17 15.28 8.00
C GLU B 244 25.57 14.77 8.40
N LYS B 245 25.83 14.69 9.71
CA LYS B 245 27.14 14.25 10.18
C LYS B 245 27.43 12.80 9.82
N TYR B 246 26.41 11.95 9.79
CA TYR B 246 26.68 10.55 9.48
C TYR B 246 26.43 10.20 8.01
N GLY B 247 26.39 11.22 7.16
CA GLY B 247 26.37 11.01 5.72
C GLY B 247 25.02 10.62 5.09
N TRP B 248 23.92 10.96 5.76
CA TRP B 248 22.59 10.70 5.19
C TRP B 248 22.22 11.87 4.28
N THR B 249 21.63 11.57 3.13
CA THR B 249 21.32 12.63 2.17
C THR B 249 19.86 12.56 1.72
N ASP B 250 19.46 13.51 0.87
CA ASP B 250 18.10 13.63 0.38
C ASP B 250 17.16 13.75 1.58
N VAL B 251 17.60 14.50 2.58
CA VAL B 251 16.88 14.65 3.83
C VAL B 251 15.68 15.58 3.68
N GLU B 252 14.50 15.10 4.08
CA GLU B 252 13.29 15.92 4.03
C GLU B 252 12.33 15.60 5.17
N MET B 253 11.91 16.62 5.91
CA MET B 253 10.88 16.39 6.90
C MET B 253 9.52 16.77 6.31
N VAL B 254 8.50 15.96 6.60
CA VAL B 254 7.13 16.27 6.24
C VAL B 254 6.19 15.95 7.41
N GLU B 255 4.98 16.49 7.34
CA GLU B 255 3.89 16.05 8.21
C GLU B 255 2.75 15.46 7.36
N ILE B 256 2.04 14.48 7.93
CA ILE B 256 0.88 13.92 7.29
C ILE B 256 -0.37 14.29 8.11
N GLN B 257 -1.39 14.84 7.45
CA GLN B 257 -2.65 15.13 8.12
C GLN B 257 -3.77 14.25 7.58
N GLY B 258 -4.37 13.43 8.44
CA GLY B 258 -5.50 12.60 8.04
C GLY B 258 -6.83 13.17 8.58
N ARG B 259 -7.87 13.12 7.76
CA ARG B 259 -9.22 13.50 8.18
C ARG B 259 -10.19 12.42 7.77
N GLN B 260 -11.26 12.29 8.53
CA GLN B 260 -12.33 11.37 8.19
C GLN B 260 -13.66 12.11 8.19
N TYR B 261 -14.52 11.81 7.22
CA TYR B 261 -15.81 12.48 7.10
C TYR B 261 -16.96 11.50 7.23
N GLU B 262 -18.03 11.97 7.88
CA GLU B 262 -19.30 11.27 7.92
C GLU B 262 -20.14 11.72 6.75
N SER B 263 -20.93 10.80 6.22
CA SER B 263 -21.89 11.10 5.17
C SER B 263 -23.23 11.42 5.84
N ARG B 264 -23.69 12.66 5.72
CA ARG B 264 -24.87 13.08 6.49
C ARG B 264 -25.84 13.78 5.57
N ARG B 265 -26.94 14.27 6.14
CA ARG B 265 -27.95 15.00 5.40
C ARG B 265 -28.50 16.19 6.18
N GLN B 266 -28.63 17.32 5.50
CA GLN B 266 -29.24 18.51 6.07
C GLN B 266 -30.61 18.75 5.42
N MET B 267 -31.61 19.01 6.24
CA MET B 267 -32.98 19.26 5.77
C MET B 267 -33.05 20.46 4.83
N VAL B 268 -33.78 20.31 3.73
CA VAL B 268 -34.00 21.42 2.82
C VAL B 268 -35.20 22.25 3.33
N ARG B 269 -34.94 23.50 3.70
CA ARG B 269 -35.99 24.37 4.23
C ARG B 269 -36.15 25.59 3.34
N SER B 270 -37.25 25.65 2.60
CA SER B 270 -37.40 26.70 1.59
C SER B 270 -37.89 28.03 2.17
N LEU B 271 -37.60 29.09 1.44
CA LEU B 271 -38.14 30.41 1.69
C LEU B 271 -39.66 30.36 1.67
N ASN B 272 -40.24 29.70 0.67
CA ASN B 272 -41.69 29.65 0.52
C ASN B 272 -42.39 29.06 1.72
N ASP B 273 -41.82 28.02 2.31
CA ASP B 273 -42.46 27.44 3.48
C ASP B 273 -42.29 28.35 4.71
N ALA B 274 -41.20 29.11 4.77
CA ALA B 274 -41.03 30.09 5.85
C ALA B 274 -42.02 31.23 5.68
N LEU B 275 -42.22 31.68 4.45
CA LEU B 275 -43.22 32.70 4.13
C LEU B 275 -44.63 32.25 4.52
N GLU B 276 -45.01 31.04 4.09
CA GLU B 276 -46.34 30.50 4.36
C GLU B 276 -46.58 30.42 5.86
N ARG B 277 -45.55 30.07 6.61
CA ARG B 277 -45.68 30.05 8.07
C ARG B 277 -45.92 31.46 8.60
N LEU B 278 -45.24 32.46 8.04
CA LEU B 278 -45.44 33.84 8.47
C LEU B 278 -46.81 34.39 8.04
N ARG B 279 -47.34 33.96 6.90
CA ARG B 279 -48.68 34.36 6.46
C ARG B 279 -49.73 33.82 7.43
N ASP B 280 -49.61 32.56 7.84
CA ASP B 280 -50.49 31.96 8.83
C ASP B 280 -50.47 32.72 10.16
N ILE B 281 -49.28 33.10 10.61
CA ILE B 281 -49.16 33.88 11.84
C ILE B 281 -49.89 35.20 11.66
N LYS B 282 -49.77 35.77 10.47
CA LYS B 282 -50.40 37.04 10.14
C LYS B 282 -51.94 37.02 10.21
N ARG B 283 -52.56 35.91 9.81
CA ARG B 283 -54.03 35.83 9.83
C ARG B 283 -54.64 35.82 11.22
N HIS B 284 -53.98 35.18 12.18
CA HIS B 284 -54.47 35.14 13.55
C HIS B 284 -54.32 36.50 14.26
N ILE B 332 -37.41 15.11 14.92
CA ILE B 332 -37.30 14.71 13.51
C ILE B 332 -35.98 14.00 13.22
N LYS B 333 -36.07 12.82 12.64
CA LYS B 333 -34.89 12.03 12.35
C LYS B 333 -34.39 12.31 10.93
N GLU B 334 -33.06 12.39 10.81
CA GLU B 334 -32.37 12.66 9.56
C GLU B 334 -32.78 11.66 8.47
N GLY B 335 -33.19 12.18 7.31
CA GLY B 335 -33.56 11.33 6.19
C GLY B 335 -35.07 11.12 6.05
N ASP B 336 -35.83 11.58 7.05
CA ASP B 336 -37.30 11.49 7.08
C ASP B 336 -37.96 11.80 5.74
N SER B 337 -38.62 10.81 5.16
CA SER B 337 -39.12 10.91 3.79
C SER B 337 -40.23 11.95 3.65
N ASN B 338 -40.76 12.44 4.77
CA ASN B 338 -41.71 13.54 4.77
C ASN B 338 -41.04 14.90 4.49
N TYR B 339 -39.73 14.89 4.32
CA TYR B 339 -38.95 16.10 4.09
C TYR B 339 -37.98 15.93 2.93
N LYS B 340 -37.41 17.04 2.49
CA LYS B 340 -36.37 16.99 1.48
C LYS B 340 -35.02 17.10 2.18
N TRP B 341 -34.01 16.40 1.65
CA TRP B 341 -32.69 16.43 2.26
C TRP B 341 -31.60 16.69 1.22
N LYS B 342 -30.51 17.30 1.69
CA LYS B 342 -29.31 17.54 0.91
C LYS B 342 -28.14 16.78 1.55
N GLU B 343 -27.41 16.02 0.75
CA GLU B 343 -26.28 15.25 1.23
C GLU B 343 -25.12 16.20 1.54
N VAL B 344 -24.48 16.00 2.69
CA VAL B 344 -23.38 16.85 3.16
C VAL B 344 -22.35 15.94 3.82
N THR B 345 -21.08 16.36 3.79
CA THR B 345 -20.04 15.64 4.50
C THR B 345 -19.79 16.41 5.78
N LYS B 346 -19.55 15.66 6.84
CA LYS B 346 -19.37 16.26 8.16
C LYS B 346 -18.08 15.72 8.73
N MET B 347 -17.21 16.60 9.12
CA MET B 347 -15.95 16.21 9.68
C MET B 347 -16.06 15.51 11.03
N GLU B 348 -15.15 14.61 11.29
CA GLU B 348 -15.10 13.90 12.55
C GLU B 348 -15.04 14.94 13.64
N ALA B 349 -15.68 14.66 14.74
CA ALA B 349 -15.77 15.58 15.85
C ALA B 349 -14.44 16.06 16.35
N GLU B 350 -13.53 15.13 16.52
CA GLU B 350 -12.17 15.43 16.96
C GLU B 350 -11.14 14.97 15.93
N ILE B 351 -10.18 15.83 15.62
CA ILE B 351 -9.19 15.49 14.59
C ILE B 351 -7.82 15.34 15.22
N LYS B 352 -7.01 14.45 14.65
CA LYS B 352 -5.61 14.33 15.05
C LYS B 352 -4.82 15.37 14.27
N SER B 353 -4.75 16.56 14.87
CA SER B 353 -4.14 17.70 14.21
C SER B 353 -2.60 17.61 14.25
N HIS B 354 -2.05 16.66 15.01
CA HIS B 354 -0.61 16.42 14.96
C HIS B 354 -0.28 15.05 15.54
N THR B 355 0.41 14.21 14.79
CA THR B 355 0.87 12.94 15.35
C THR B 355 2.38 13.00 15.58
N SER B 356 3.14 13.25 14.52
CA SER B 356 4.57 13.48 14.64
C SER B 356 5.11 14.02 13.34
N TYR B 357 6.24 14.72 13.43
CA TYR B 357 6.99 15.07 12.22
C TYR B 357 7.73 13.84 11.67
N LEU B 358 7.71 13.68 10.35
CA LEU B 358 8.35 12.53 9.70
C LEU B 358 9.61 12.98 8.96
N THR B 359 10.78 12.58 9.45
CA THR B 359 12.02 12.97 8.78
C THR B 359 12.59 11.80 7.98
N PHE B 360 12.65 11.98 6.67
CA PHE B 360 13.13 10.95 5.76
C PHE B 360 14.56 11.24 5.31
N ALA B 361 15.32 10.17 5.09
CA ALA B 361 16.71 10.29 4.70
C ALA B 361 17.16 8.99 4.08
N PHE B 362 18.23 9.07 3.30
CA PHE B 362 18.72 7.94 2.55
C PHE B 362 20.24 7.84 2.62
N LYS B 363 20.75 6.63 2.53
CA LYS B 363 22.20 6.45 2.52
C LYS B 363 22.61 5.34 1.59
N VAL B 364 23.73 5.55 0.91
CA VAL B 364 24.43 4.48 0.23
C VAL B 364 25.83 4.38 0.82
N VAL B 365 26.21 3.20 1.29
CA VAL B 365 27.53 3.03 1.88
C VAL B 365 28.59 2.85 0.79
N ASN B 366 28.52 1.77 0.01
CA ASN B 366 29.48 1.55 -1.08
C ASN B 366 29.10 2.36 -2.31
N ARG B 367 29.65 3.56 -2.40
CA ARG B 367 29.31 4.50 -3.46
C ARG B 367 30.25 4.23 -4.63
N SER B 368 30.10 3.05 -5.19
CA SER B 368 31.03 2.50 -6.16
C SER B 368 30.34 1.46 -7.01
N ARG B 369 31.04 1.04 -8.07
CA ARG B 369 30.59 -0.05 -8.90
C ARG B 369 31.74 -1.03 -9.14
N ASP B 370 31.40 -2.22 -9.66
CA ASP B 370 32.38 -3.19 -10.10
C ASP B 370 32.78 -2.87 -11.55
N ASP B 371 33.80 -2.04 -11.72
CA ASP B 371 34.17 -1.52 -13.03
C ASP B 371 34.47 -2.64 -14.04
N GLU B 372 35.17 -3.69 -13.60
CA GLU B 372 35.55 -4.75 -14.52
C GLU B 372 34.38 -5.69 -14.82
N LYS B 373 33.51 -5.92 -13.84
CA LYS B 373 32.35 -6.78 -14.05
C LYS B 373 31.36 -6.15 -15.03
N VAL B 374 31.47 -4.85 -15.20
CA VAL B 374 30.61 -4.19 -16.14
C VAL B 374 31.26 -4.37 -17.47
N ASN B 375 32.59 -4.34 -17.49
CA ASN B 375 33.32 -4.52 -18.73
C ASN B 375 33.00 -5.83 -19.42
N GLU B 376 32.66 -6.85 -18.64
CA GLU B 376 32.31 -8.15 -19.19
C GLU B 376 30.84 -8.28 -19.56
#